data_7TRH
#
_entry.id   7TRH
#
_cell.length_a   75.830
_cell.length_b   43.650
_cell.length_c   96.910
_cell.angle_alpha   90.000
_cell.angle_beta   105.033
_cell.angle_gamma   90.000
#
_symmetry.space_group_name_H-M   'P 1 21 1'
#
loop_
_entity.id
_entity.type
_entity.pdbx_description
1 polymer Hemagglutinin
2 polymer 'K03.28 Fab heavy chain'
3 polymer 'K03.28 Fab lambda light chain'
#
loop_
_entity_poly.entity_id
_entity_poly.type
_entity_poly.pdbx_seq_one_letter_code
_entity_poly.pdbx_strand_id
1 'polypeptide(L)'
;ASAPLHLGKCNIAGWILGNPECESLSTASSWSYIVETPSSDNGTCYPGDFIDYEELREQLSSVSSFERFEIFPKTSSWPN
HDSDKGVTAACPHAGAKSFYKNLIWLVKKGNSYPKLSKSYINDKGKEVLVLWGIHHPSTSADQQSLYQNADAYVFVGSSR
YSKTFKPEIAIRPKVRDREGRMNYYWTLVEPGDKITFEATGNLVVPRYAFAMERNAGSGLEVLFQ
;
G
2 'polypeptide(L)'
;EVQLVESGGGLIQPGGSLRLSCEASAFTFSSYEMNWVRQAPGKGLEWVSYITSSGSRIYYADSVKGRFTISRDNAKNSLY
LQMNSLRVEDTAVYYCARLLDSIVWGEGWYYGMDVWGQGTTVTVSGASTKGPSVFPLAPSSKSTSGGTAALGCLVKDYFP
EPVTVSWNSGALTSGVHTFPAVLQSSGLYSLSSVVTVPSSSLGTQTYICNVNHKPSNTKVDKRVEPKSCDKHHHHHH
;
H
3 'polypeptide(L)'
;ASSYELTQSPSVSVAPGRTARITCGGNDIGLKGVHWYQQKPGQAPVLVLYDNNHRPSGIPERFSGSISGDTATLTVTRVE
ADDGADYFCQVWDTSSGPPHVIFGGGTKLTVLSQPKGAPSVTLFPPSSEELQANKATLVCLISDFYPGAVTVAWKADSSP
VKAGVETTTPSKQSNNKYAASSYLSLTPEQWKSHRSYSCQVTHEGSTVEKTVAPTECS
;
B
#
# COMPACT_ATOMS: atom_id res chain seq x y z
N ALA A 3 -21.75 -46.15 17.24
CA ALA A 3 -21.46 -45.80 15.86
C ALA A 3 -20.03 -45.25 15.72
N PRO A 4 -19.38 -45.58 14.60
CA PRO A 4 -17.99 -45.15 14.39
C PRO A 4 -17.84 -43.65 14.17
N LEU A 5 -16.61 -43.21 13.90
CA LEU A 5 -16.28 -41.81 13.67
C LEU A 5 -15.88 -41.63 12.20
N HIS A 6 -16.68 -40.84 11.47
CA HIS A 6 -16.47 -40.64 10.04
C HIS A 6 -15.83 -39.27 9.81
N LEU A 7 -14.50 -39.23 9.85
CA LEU A 7 -13.78 -38.02 9.46
C LEU A 7 -13.88 -37.84 7.96
N GLY A 8 -14.40 -36.70 7.54
CA GLY A 8 -14.69 -36.47 6.13
C GLY A 8 -13.47 -36.45 5.23
N LYS A 9 -12.50 -35.59 5.54
CA LYS A 9 -11.36 -35.39 4.65
C LYS A 9 -10.05 -35.23 5.42
N CYS A 10 -10.03 -35.62 6.70
CA CYS A 10 -8.85 -35.55 7.54
C CYS A 10 -8.54 -36.92 8.12
N ASN A 11 -7.26 -37.13 8.45
CA ASN A 11 -6.87 -38.30 9.21
C ASN A 11 -7.08 -38.00 10.69
N ILE A 12 -6.54 -38.87 11.57
CA ILE A 12 -6.63 -38.62 12.99
C ILE A 12 -5.83 -37.38 13.37
N ALA A 13 -4.59 -37.30 12.91
CA ALA A 13 -3.75 -36.15 13.23
C ALA A 13 -4.35 -34.84 12.72
N GLY A 14 -5.09 -34.91 11.62
CA GLY A 14 -5.73 -33.71 11.12
C GLY A 14 -6.89 -33.24 11.99
N TRP A 15 -7.70 -34.19 12.47
CA TRP A 15 -8.86 -33.84 13.27
C TRP A 15 -8.51 -33.56 14.72
N ILE A 16 -7.51 -34.25 15.27
CA ILE A 16 -7.18 -34.07 16.67
C ILE A 16 -6.40 -32.78 16.89
N LEU A 17 -5.55 -32.39 15.94
CA LEU A 17 -4.79 -31.16 16.09
C LEU A 17 -5.62 -29.93 15.76
N GLY A 18 -6.73 -30.09 15.04
CA GLY A 18 -7.53 -28.97 14.64
C GLY A 18 -7.05 -28.35 13.34
N ASN A 19 -6.66 -29.19 12.39
CA ASN A 19 -6.27 -28.71 11.08
C ASN A 19 -7.44 -27.95 10.47
N PRO A 20 -7.22 -26.77 9.88
CA PRO A 20 -8.36 -25.95 9.43
C PRO A 20 -9.21 -26.58 8.34
N GLU A 21 -8.76 -27.67 7.73
CA GLU A 21 -9.51 -28.32 6.68
C GLU A 21 -10.65 -29.18 7.20
N CYS A 22 -10.58 -29.59 8.47
CA CYS A 22 -11.62 -30.41 9.07
C CYS A 22 -12.80 -29.56 9.48
N GLU A 23 -14.00 -30.15 9.43
CA GLU A 23 -15.23 -29.41 9.68
C GLU A 23 -16.24 -30.30 10.41
N SER A 24 -17.13 -29.65 11.15
CA SER A 24 -18.22 -30.30 11.87
C SER A 24 -17.72 -31.43 12.79
N THR A 27 -19.60 -33.60 16.17
CA THR A 27 -20.05 -33.71 17.55
C THR A 27 -20.26 -35.18 17.95
N ALA A 28 -19.16 -35.84 18.30
CA ALA A 28 -19.19 -37.23 18.72
C ALA A 28 -18.69 -37.33 20.16
N SER A 29 -19.50 -37.93 21.03
CA SER A 29 -19.13 -38.16 22.41
C SER A 29 -18.84 -39.63 22.70
N SER A 30 -18.84 -40.47 21.67
CA SER A 30 -18.56 -41.89 21.79
C SER A 30 -18.43 -42.47 20.39
N TRP A 31 -17.48 -43.38 20.21
CA TRP A 31 -17.30 -44.00 18.91
C TRP A 31 -16.60 -45.34 19.09
N SER A 32 -16.99 -46.32 18.28
CA SER A 32 -16.39 -47.64 18.36
C SER A 32 -15.03 -47.66 17.68
N TYR A 33 -14.95 -47.13 16.46
CA TYR A 33 -13.69 -47.07 15.73
C TYR A 33 -13.76 -45.86 14.81
N ILE A 34 -12.61 -45.47 14.26
CA ILE A 34 -12.46 -44.23 13.52
C ILE A 34 -12.32 -44.53 12.03
N VAL A 35 -12.99 -43.74 11.20
CA VAL A 35 -12.87 -43.83 9.76
C VAL A 35 -12.00 -42.65 9.31
N GLU A 36 -10.72 -42.94 9.07
CA GLU A 36 -9.74 -41.91 8.75
C GLU A 36 -9.63 -41.78 7.24
N THR A 37 -10.02 -40.62 6.72
CA THR A 37 -9.84 -40.34 5.30
C THR A 37 -8.42 -39.82 5.07
N PRO A 38 -7.64 -40.46 4.20
CA PRO A 38 -6.23 -40.06 4.04
C PRO A 38 -6.09 -38.66 3.44
N SER A 39 -4.89 -38.12 3.59
CA SER A 39 -4.55 -36.84 3.00
C SER A 39 -3.05 -36.80 2.76
N SER A 40 -2.62 -35.91 1.86
CA SER A 40 -1.23 -35.88 1.46
C SER A 40 -0.33 -35.37 2.58
N ASP A 41 -0.76 -34.31 3.26
CA ASP A 41 0.05 -33.64 4.27
C ASP A 41 0.28 -34.51 5.49
N ASN A 42 -0.31 -35.71 5.49
CA ASN A 42 -0.27 -36.65 6.60
C ASN A 42 -0.95 -36.09 7.85
N GLY A 43 -1.86 -35.14 7.67
CA GLY A 43 -2.50 -34.43 8.75
C GLY A 43 -1.78 -33.18 9.19
N THR A 44 -0.46 -33.14 9.04
CA THR A 44 0.37 -32.04 9.53
C THR A 44 0.55 -31.04 8.40
N CYS A 45 -0.37 -30.07 8.29
CA CYS A 45 -0.26 -29.06 7.25
C CYS A 45 0.96 -28.17 7.44
N TYR A 46 1.60 -28.21 8.61
CA TYR A 46 2.92 -27.64 8.82
C TYR A 46 3.89 -28.79 8.96
N PRO A 47 4.93 -28.87 8.14
CA PRO A 47 5.82 -30.04 8.17
C PRO A 47 6.38 -30.29 9.56
N GLY A 48 6.37 -31.56 9.95
CA GLY A 48 6.88 -31.96 11.24
C GLY A 48 6.57 -33.40 11.58
N ASP A 49 7.37 -33.98 12.47
CA ASP A 49 7.18 -35.35 12.90
C ASP A 49 6.18 -35.41 14.04
N PHE A 50 5.29 -36.40 13.99
CA PHE A 50 4.31 -36.62 15.03
C PHE A 50 4.83 -37.74 15.90
N ILE A 51 5.25 -37.41 17.12
CA ILE A 51 5.89 -38.38 18.01
C ILE A 51 4.82 -39.29 18.60
N ASP A 52 4.97 -40.60 18.38
CA ASP A 52 4.07 -41.63 18.91
C ASP A 52 2.64 -41.43 18.38
N TYR A 53 2.53 -41.46 17.05
CA TYR A 53 1.24 -41.29 16.41
C TYR A 53 0.41 -42.57 16.45
N GLU A 54 1.04 -43.71 16.16
CA GLU A 54 0.33 -44.99 16.27
C GLU A 54 -0.13 -45.23 17.70
N GLU A 55 0.68 -44.85 18.68
CA GLU A 55 0.28 -44.96 20.08
C GLU A 55 -0.98 -44.16 20.36
N LEU A 56 -1.09 -42.98 19.73
CA LEU A 56 -2.24 -42.13 19.95
C LEU A 56 -3.44 -42.58 19.12
N ARG A 57 -3.20 -43.11 17.91
CA ARG A 57 -4.28 -43.73 17.15
C ARG A 57 -4.90 -44.88 17.93
N GLU A 58 -4.06 -45.74 18.50
CA GLU A 58 -4.54 -46.94 19.17
C GLU A 58 -5.41 -46.61 20.38
N GLN A 59 -5.09 -45.53 21.08
CA GLN A 59 -5.84 -45.12 22.27
C GLN A 59 -6.93 -44.12 21.96
N LEU A 60 -7.10 -43.72 20.70
CA LEU A 60 -8.24 -42.95 20.26
C LEU A 60 -9.28 -43.81 19.55
N SER A 61 -9.00 -45.10 19.39
CA SER A 61 -9.86 -45.96 18.57
C SER A 61 -11.23 -46.14 19.19
N SER A 62 -11.29 -46.45 20.49
CA SER A 62 -12.56 -46.75 21.16
C SER A 62 -12.63 -45.93 22.44
N VAL A 63 -13.52 -44.95 22.47
CA VAL A 63 -13.76 -44.14 23.66
C VAL A 63 -15.26 -44.14 23.94
N SER A 64 -15.61 -44.01 25.22
CA SER A 64 -17.00 -43.94 25.63
C SER A 64 -17.45 -42.53 25.98
N SER A 65 -16.52 -41.64 26.29
CA SER A 65 -16.83 -40.24 26.55
C SER A 65 -15.72 -39.39 25.96
N PHE A 66 -16.08 -38.18 25.51
CA PHE A 66 -15.13 -37.34 24.80
C PHE A 66 -15.61 -35.89 24.88
N GLU A 67 -15.09 -35.14 25.86
CA GLU A 67 -15.38 -33.73 25.99
C GLU A 67 -14.16 -32.90 25.57
N ARG A 68 -14.42 -31.85 24.81
CA ARG A 68 -13.40 -30.90 24.36
C ARG A 68 -13.58 -29.60 25.14
N PHE A 69 -12.53 -29.17 25.83
CA PHE A 69 -12.61 -27.97 26.65
C PHE A 69 -11.37 -27.12 26.43
N GLU A 70 -11.52 -25.82 26.66
CA GLU A 70 -10.43 -24.86 26.51
C GLU A 70 -9.53 -24.95 27.74
N ILE A 71 -8.44 -25.72 27.61
CA ILE A 71 -7.52 -25.89 28.72
C ILE A 71 -6.84 -24.56 29.06
N PHE A 72 -6.49 -23.77 28.05
CA PHE A 72 -5.80 -22.49 28.23
C PHE A 72 -6.51 -21.46 27.36
N PRO A 73 -7.40 -20.66 27.93
CA PRO A 73 -8.10 -19.64 27.13
C PRO A 73 -7.12 -18.73 26.40
N LYS A 74 -7.40 -18.49 25.12
CA LYS A 74 -6.50 -17.72 24.28
C LYS A 74 -6.36 -16.28 24.78
N THR A 75 -7.44 -15.70 25.28
CA THR A 75 -7.50 -14.29 25.60
C THR A 75 -7.00 -13.96 27.00
N SER A 76 -6.61 -14.95 27.79
CA SER A 76 -6.20 -14.68 29.16
C SER A 76 -5.02 -15.50 29.66
N SER A 77 -4.61 -16.56 28.97
CA SER A 77 -3.54 -17.41 29.46
C SER A 77 -2.15 -16.95 29.02
N TRP A 78 -2.07 -16.06 28.02
CA TRP A 78 -0.79 -15.67 27.44
C TRP A 78 -0.74 -14.14 27.39
N PRO A 79 -0.46 -13.50 28.53
CA PRO A 79 -0.49 -12.04 28.58
C PRO A 79 0.85 -11.39 28.25
N ASN A 80 1.95 -12.07 28.54
CA ASN A 80 3.28 -11.55 28.27
C ASN A 80 3.82 -11.99 26.91
N HIS A 81 3.03 -12.70 26.12
CA HIS A 81 3.43 -13.17 24.80
C HIS A 81 2.36 -12.78 23.79
N ASP A 82 2.68 -12.99 22.52
CA ASP A 82 1.76 -12.68 21.42
C ASP A 82 1.16 -13.99 20.91
N SER A 83 -0.15 -14.13 21.10
CA SER A 83 -0.89 -15.31 20.66
C SER A 83 -1.74 -15.03 19.42
N ASP A 84 -1.38 -13.99 18.65
CA ASP A 84 -2.16 -13.59 17.49
C ASP A 84 -1.38 -13.59 16.19
N LYS A 85 -0.06 -13.76 16.24
CA LYS A 85 0.77 -13.81 15.04
C LYS A 85 0.90 -15.21 14.45
N GLY A 86 0.53 -16.24 15.21
CA GLY A 86 0.82 -17.61 14.84
C GLY A 86 -0.06 -18.21 13.77
N VAL A 87 0.01 -17.68 12.54
CA VAL A 87 -0.67 -18.26 11.40
C VAL A 87 0.35 -18.43 10.28
N THR A 88 0.05 -19.36 9.37
CA THR A 88 1.00 -19.73 8.34
C THR A 88 0.24 -19.99 7.05
N ALA A 89 0.90 -19.71 5.92
CA ALA A 89 0.33 -20.09 4.63
C ALA A 89 0.30 -21.60 4.42
N ALA A 90 1.06 -22.34 5.23
CA ALA A 90 1.05 -23.79 5.12
C ALA A 90 -0.25 -24.40 5.64
N CYS A 91 -0.94 -23.69 6.53
CA CYS A 91 -2.23 -24.11 7.07
C CYS A 91 -3.23 -22.99 6.81
N PRO A 92 -3.79 -22.94 5.60
CA PRO A 92 -4.65 -21.82 5.22
C PRO A 92 -6.13 -22.09 5.50
N HIS A 93 -6.93 -21.04 5.38
CA HIS A 93 -8.38 -21.14 5.53
C HIS A 93 -9.01 -19.91 4.90
N ALA A 94 -10.02 -20.14 4.06
CA ALA A 94 -10.83 -19.09 3.44
C ALA A 94 -9.97 -18.11 2.63
N GLY A 95 -8.81 -18.56 2.18
CA GLY A 95 -7.90 -17.77 1.39
C GLY A 95 -6.77 -17.13 2.17
N ALA A 96 -6.96 -16.92 3.47
CA ALA A 96 -5.97 -16.26 4.31
C ALA A 96 -5.20 -17.30 5.13
N LYS A 97 -4.25 -16.81 5.92
CA LYS A 97 -3.43 -17.67 6.75
C LYS A 97 -4.17 -18.06 8.03
N SER A 98 -3.95 -19.30 8.47
CA SER A 98 -4.61 -19.82 9.67
C SER A 98 -3.64 -20.76 10.38
N PHE A 99 -4.17 -21.56 11.30
CA PHE A 99 -3.34 -22.45 12.10
C PHE A 99 -4.26 -23.49 12.74
N TYR A 100 -3.65 -24.49 13.39
CA TYR A 100 -4.41 -25.49 14.12
C TYR A 100 -5.26 -24.84 15.20
N LYS A 101 -6.56 -25.09 15.17
CA LYS A 101 -7.47 -24.43 16.11
C LYS A 101 -7.38 -24.98 17.52
N ASN A 102 -6.71 -26.11 17.73
CA ASN A 102 -6.51 -26.66 19.06
C ASN A 102 -5.15 -26.32 19.65
N LEU A 103 -4.31 -25.60 18.91
CA LEU A 103 -3.04 -25.11 19.40
C LEU A 103 -2.95 -23.61 19.17
N ILE A 104 -1.97 -22.98 19.81
CA ILE A 104 -1.65 -21.58 19.59
C ILE A 104 -0.14 -21.46 19.44
N TRP A 105 0.29 -20.86 18.34
CA TRP A 105 1.72 -20.65 18.08
C TRP A 105 2.12 -19.33 18.73
N LEU A 106 2.77 -19.41 19.89
CA LEU A 106 3.17 -18.20 20.59
C LEU A 106 4.45 -17.62 19.99
N VAL A 107 4.53 -16.29 20.01
CA VAL A 107 5.63 -15.53 19.44
C VAL A 107 5.91 -14.39 20.40
N LYS A 108 7.16 -13.91 20.41
CA LYS A 108 7.57 -12.88 21.34
C LYS A 108 6.68 -11.64 21.23
N LYS A 109 6.31 -11.09 22.39
CA LYS A 109 5.68 -9.79 22.46
C LYS A 109 6.76 -8.73 22.60
N GLY A 110 6.77 -7.76 21.69
CA GLY A 110 7.88 -6.82 21.65
C GLY A 110 9.16 -7.52 21.23
N ASN A 111 10.27 -7.14 21.85
CA ASN A 111 11.55 -7.80 21.60
C ASN A 111 12.00 -8.56 22.84
N SER A 112 11.16 -9.46 23.32
CA SER A 112 11.48 -10.29 24.48
C SER A 112 10.50 -11.44 24.56
N TYR A 113 11.01 -12.64 24.78
CA TYR A 113 10.20 -13.81 25.08
C TYR A 113 10.43 -14.16 26.54
N PRO A 114 9.75 -13.51 27.48
CA PRO A 114 9.96 -13.82 28.89
C PRO A 114 9.60 -15.26 29.20
N LYS A 115 10.23 -15.81 30.24
CA LYS A 115 10.05 -17.21 30.58
C LYS A 115 8.58 -17.52 30.82
N LEU A 116 8.10 -18.55 30.14
CA LEU A 116 6.69 -18.95 30.22
C LEU A 116 6.55 -20.07 31.24
N SER A 117 5.54 -19.96 32.09
CA SER A 117 5.25 -20.98 33.08
C SER A 117 3.73 -21.06 33.25
N LYS A 118 3.14 -22.17 32.80
CA LYS A 118 1.70 -22.36 32.89
C LYS A 118 1.42 -23.81 33.28
N SER A 119 0.51 -23.99 34.24
CA SER A 119 0.18 -25.30 34.76
C SER A 119 -1.32 -25.53 34.66
N TYR A 120 -1.70 -26.77 34.36
CA TYR A 120 -3.09 -27.20 34.40
C TYR A 120 -3.21 -28.42 35.28
N ILE A 121 -4.16 -28.40 36.20
CA ILE A 121 -4.45 -29.53 37.09
C ILE A 121 -5.76 -30.17 36.63
N ASN A 122 -5.74 -31.49 36.50
CA ASN A 122 -6.90 -32.24 36.01
C ASN A 122 -7.98 -32.25 37.09
N ASP A 123 -8.93 -31.31 36.99
CA ASP A 123 -10.08 -31.32 37.87
C ASP A 123 -11.18 -32.25 37.39
N LYS A 124 -11.03 -32.84 36.22
CA LYS A 124 -12.07 -33.69 35.65
C LYS A 124 -12.14 -35.01 36.41
N GLY A 125 -13.01 -35.90 35.95
CA GLY A 125 -13.14 -37.21 36.55
C GLY A 125 -12.63 -38.30 35.63
N LYS A 126 -11.82 -37.92 34.65
CA LYS A 126 -11.31 -38.84 33.65
C LYS A 126 -9.97 -38.30 33.13
N GLU A 127 -9.33 -39.08 32.27
CA GLU A 127 -8.06 -38.67 31.70
C GLU A 127 -8.23 -37.49 30.75
N VAL A 128 -7.17 -36.68 30.64
CA VAL A 128 -7.16 -35.52 29.78
C VAL A 128 -6.02 -35.68 28.77
N LEU A 129 -6.36 -35.66 27.49
CA LEU A 129 -5.37 -35.73 26.42
C LEU A 129 -4.92 -34.33 26.06
N VAL A 130 -3.61 -34.09 26.15
CA VAL A 130 -3.02 -32.78 25.90
C VAL A 130 -2.08 -32.88 24.70
N LEU A 131 -2.17 -31.92 23.80
CA LEU A 131 -1.36 -31.87 22.58
C LEU A 131 -0.62 -30.55 22.54
N TRP A 132 0.69 -30.60 22.27
CA TRP A 132 1.48 -29.40 22.07
C TRP A 132 2.48 -29.65 20.95
N GLY A 133 3.26 -28.62 20.63
CA GLY A 133 4.23 -28.73 19.56
C GLY A 133 5.51 -28.00 19.90
N ILE A 134 6.57 -28.39 19.21
CA ILE A 134 7.88 -27.74 19.30
C ILE A 134 8.25 -27.28 17.89
N HIS A 135 8.50 -25.99 17.73
CA HIS A 135 8.86 -25.41 16.44
C HIS A 135 10.37 -25.29 16.31
N HIS A 136 10.86 -25.48 15.09
CA HIS A 136 12.29 -25.42 14.80
C HIS A 136 12.50 -24.49 13.61
N PRO A 137 13.01 -23.27 13.83
CA PRO A 137 13.26 -22.37 12.70
C PRO A 137 14.30 -22.95 11.74
N SER A 138 14.29 -22.43 10.52
CA SER A 138 15.26 -22.86 9.53
C SER A 138 16.60 -22.16 9.69
N THR A 139 16.60 -20.91 10.13
CA THR A 139 17.81 -20.15 10.40
C THR A 139 17.70 -19.52 11.78
N SER A 140 18.86 -19.20 12.38
CA SER A 140 18.86 -18.51 13.66
C SER A 140 18.29 -17.10 13.55
N ALA A 141 18.27 -16.52 12.34
CA ALA A 141 17.60 -15.24 12.15
C ALA A 141 16.10 -15.37 12.40
N ASP A 142 15.51 -16.47 11.96
CA ASP A 142 14.10 -16.72 12.25
C ASP A 142 13.87 -16.94 13.74
N GLN A 143 14.83 -17.58 14.41
CA GLN A 143 14.69 -17.83 15.84
C GLN A 143 14.56 -16.53 16.62
N GLN A 144 15.41 -15.55 16.31
CA GLN A 144 15.34 -14.28 17.03
C GLN A 144 14.11 -13.48 16.63
N SER A 145 13.71 -13.56 15.36
CA SER A 145 12.50 -12.86 14.94
C SER A 145 11.26 -13.47 15.58
N LEU A 146 11.31 -14.73 15.97
CA LEU A 146 10.19 -15.42 16.59
C LEU A 146 10.25 -15.44 18.11
N TYR A 147 11.44 -15.61 18.69
CA TYR A 147 11.55 -15.89 20.11
C TYR A 147 12.61 -15.06 20.84
N GLN A 148 13.28 -14.12 20.15
CA GLN A 148 14.22 -13.19 20.78
C GLN A 148 15.43 -13.88 21.41
N ASN A 149 15.19 -14.94 22.18
CA ASN A 149 16.25 -15.65 22.88
C ASN A 149 16.83 -16.73 21.97
N ALA A 150 18.17 -16.79 21.92
CA ALA A 150 18.85 -17.81 21.13
C ALA A 150 19.05 -19.10 21.91
N ASP A 151 19.10 -19.03 23.23
CA ASP A 151 19.30 -20.19 24.09
C ASP A 151 17.98 -20.70 24.65
N ALA A 152 16.97 -20.82 23.79
CA ALA A 152 15.64 -21.19 24.24
C ALA A 152 15.58 -22.67 24.62
N TYR A 153 14.53 -23.02 25.38
CA TYR A 153 14.24 -24.40 25.71
C TYR A 153 12.75 -24.51 26.00
N VAL A 154 12.25 -25.74 26.03
CA VAL A 154 10.89 -26.04 26.45
C VAL A 154 10.93 -27.19 27.43
N PHE A 155 10.24 -27.05 28.56
CA PHE A 155 10.09 -28.12 29.53
C PHE A 155 8.62 -28.46 29.67
N VAL A 156 8.28 -29.72 29.49
CA VAL A 156 6.93 -30.24 29.71
C VAL A 156 7.02 -31.35 30.74
N GLY A 157 6.24 -31.24 31.80
CA GLY A 157 6.31 -32.22 32.87
C GLY A 157 5.00 -32.45 33.61
N SER A 158 4.70 -33.71 33.87
CA SER A 158 3.61 -34.09 34.77
C SER A 158 4.15 -35.03 35.83
N SER A 159 3.31 -35.94 36.32
CA SER A 159 3.80 -36.98 37.22
C SER A 159 4.29 -38.21 36.48
N ARG A 160 3.89 -38.38 35.22
CA ARG A 160 4.29 -39.53 34.42
C ARG A 160 4.99 -39.15 33.12
N TYR A 161 5.26 -37.86 32.91
CA TYR A 161 5.94 -37.39 31.70
C TYR A 161 6.89 -36.27 32.06
N SER A 162 8.05 -36.24 31.41
CA SER A 162 9.07 -35.22 31.66
C SER A 162 10.04 -35.21 30.49
N LYS A 163 10.22 -34.04 29.87
CA LYS A 163 11.13 -33.92 28.74
C LYS A 163 11.48 -32.44 28.53
N THR A 164 12.76 -32.18 28.24
CA THR A 164 13.23 -30.85 27.89
C THR A 164 13.55 -30.83 26.40
N PHE A 165 12.88 -29.95 25.67
CA PHE A 165 13.10 -29.82 24.23
C PHE A 165 14.00 -28.63 23.96
N LYS A 166 14.86 -28.78 22.95
CA LYS A 166 15.80 -27.73 22.56
C LYS A 166 15.60 -27.42 21.08
N PRO A 167 15.67 -26.15 20.69
CA PRO A 167 15.48 -25.81 19.28
C PRO A 167 16.49 -26.51 18.38
N GLU A 168 16.01 -27.00 17.25
CA GLU A 168 16.83 -27.75 16.30
C GLU A 168 16.94 -26.97 15.00
N ILE A 169 17.54 -25.78 15.05
CA ILE A 169 17.63 -24.88 13.90
C ILE A 169 18.40 -25.56 12.78
N ALA A 170 17.69 -25.95 11.72
CA ALA A 170 18.32 -26.58 10.56
C ALA A 170 17.49 -26.29 9.32
N ILE A 171 18.17 -26.16 8.19
CA ILE A 171 17.53 -25.87 6.92
C ILE A 171 17.13 -27.21 6.30
N ARG A 172 15.86 -27.55 6.43
CA ARG A 172 15.33 -28.81 5.94
C ARG A 172 14.82 -28.64 4.52
N PRO A 173 14.53 -29.75 3.82
CA PRO A 173 13.94 -29.62 2.48
C PRO A 173 12.63 -28.85 2.48
N LYS A 174 12.42 -28.07 1.43
CA LYS A 174 11.27 -27.20 1.32
C LYS A 174 10.01 -28.04 1.10
N VAL A 175 9.28 -28.30 2.18
CA VAL A 175 8.03 -29.02 2.14
C VAL A 175 6.92 -28.04 2.54
N ARG A 176 5.87 -27.98 1.72
CA ARG A 176 4.74 -27.08 1.97
C ARG A 176 5.20 -25.63 2.14
N ASP A 177 6.18 -25.23 1.33
CA ASP A 177 6.82 -23.92 1.31
C ASP A 177 7.61 -23.60 2.57
N ARG A 178 7.83 -24.57 3.46
CA ARG A 178 8.50 -24.31 4.72
C ARG A 178 9.70 -25.25 4.89
N GLU A 179 10.86 -24.66 5.19
CA GLU A 179 12.06 -25.39 5.53
C GLU A 179 12.32 -25.45 7.03
N GLY A 180 11.41 -24.90 7.83
CA GLY A 180 11.39 -25.19 9.25
C GLY A 180 10.53 -26.41 9.53
N ARG A 181 10.60 -26.89 10.77
CA ARG A 181 9.84 -28.06 11.16
C ARG A 181 9.13 -27.78 12.47
N MET A 182 8.15 -28.64 12.78
CA MET A 182 7.27 -28.44 13.93
C MET A 182 6.83 -29.82 14.41
N ASN A 183 7.51 -30.34 15.43
CA ASN A 183 7.14 -31.64 15.97
C ASN A 183 5.91 -31.52 16.87
N TYR A 184 5.21 -32.63 17.04
CA TYR A 184 3.98 -32.68 17.83
C TYR A 184 4.08 -33.76 18.89
N TYR A 185 3.67 -33.44 20.10
CA TYR A 185 3.75 -34.34 21.24
C TYR A 185 2.41 -34.42 21.95
N TRP A 186 2.23 -35.49 22.72
CA TRP A 186 0.99 -35.69 23.46
C TRP A 186 1.29 -36.52 24.70
N THR A 187 0.33 -36.52 25.62
CA THR A 187 0.39 -37.32 26.84
C THR A 187 -0.98 -37.29 27.50
N LEU A 188 -1.21 -38.25 28.38
CA LEU A 188 -2.46 -38.36 29.11
C LEU A 188 -2.26 -37.90 30.55
N VAL A 189 -3.27 -37.21 31.09
CA VAL A 189 -3.21 -36.65 32.43
C VAL A 189 -4.19 -37.43 33.31
N GLU A 190 -3.68 -38.00 34.39
CA GLU A 190 -4.53 -38.76 35.30
C GLU A 190 -5.43 -37.81 36.09
N PRO A 191 -6.60 -38.30 36.53
CA PRO A 191 -7.63 -37.40 37.10
C PRO A 191 -7.22 -36.55 38.31
N GLY A 192 -5.98 -36.64 38.77
CA GLY A 192 -5.57 -35.81 39.89
C GLY A 192 -4.25 -35.11 39.66
N ASP A 193 -3.76 -35.17 38.44
CA ASP A 193 -2.39 -34.80 38.11
C ASP A 193 -2.32 -33.38 37.54
N LYS A 194 -1.11 -32.87 37.48
CA LYS A 194 -0.82 -31.54 36.95
C LYS A 194 0.21 -31.64 35.83
N ILE A 195 -0.05 -30.95 34.73
CA ILE A 195 0.91 -30.82 33.63
C ILE A 195 1.40 -29.38 33.61
N THR A 196 2.70 -29.20 33.39
CA THR A 196 3.32 -27.88 33.41
C THR A 196 4.08 -27.65 32.12
N PHE A 197 4.07 -26.40 31.66
CA PHE A 197 4.81 -25.98 30.48
C PHE A 197 5.74 -24.85 30.85
N GLU A 198 7.04 -25.08 30.71
CA GLU A 198 8.06 -24.05 30.79
C GLU A 198 8.63 -23.81 29.40
N ALA A 199 8.90 -22.55 29.08
CA ALA A 199 9.41 -22.22 27.76
C ALA A 199 10.05 -20.83 27.78
N THR A 200 11.16 -20.71 27.05
CA THR A 200 11.72 -19.43 26.66
C THR A 200 11.71 -19.27 25.15
N GLY A 201 10.89 -20.04 24.45
CA GLY A 201 10.73 -19.97 23.02
C GLY A 201 10.40 -21.33 22.44
N ASN A 202 9.89 -21.31 21.21
CA ASN A 202 9.69 -22.48 20.36
C ASN A 202 8.54 -23.38 20.80
N LEU A 203 7.63 -22.89 21.64
CA LEU A 203 6.55 -23.72 22.18
C LEU A 203 5.23 -23.34 21.51
N VAL A 204 4.55 -24.34 20.96
CA VAL A 204 3.20 -24.16 20.41
C VAL A 204 2.26 -24.75 21.45
N VAL A 205 1.80 -23.89 22.36
CA VAL A 205 1.05 -24.31 23.55
C VAL A 205 -0.27 -24.98 23.17
N PRO A 206 -0.85 -25.79 24.05
CA PRO A 206 -2.21 -26.29 23.82
C PRO A 206 -3.23 -25.18 24.07
N ARG A 207 -4.26 -25.15 23.25
CA ARG A 207 -5.42 -24.31 23.52
C ARG A 207 -6.64 -25.13 23.92
N TYR A 208 -6.85 -26.27 23.26
CA TYR A 208 -7.95 -27.17 23.57
C TYR A 208 -7.40 -28.54 23.92
N ALA A 209 -7.91 -29.13 24.98
CA ALA A 209 -7.60 -30.49 25.38
C ALA A 209 -8.86 -31.36 25.24
N PHE A 210 -8.73 -32.63 25.59
CA PHE A 210 -9.84 -33.57 25.49
C PHE A 210 -9.88 -34.45 26.73
N ALA A 211 -11.00 -34.44 27.43
CA ALA A 211 -11.24 -35.33 28.57
C ALA A 211 -12.02 -36.54 28.07
N MET A 212 -11.46 -37.73 28.27
CA MET A 212 -12.00 -38.93 27.65
C MET A 212 -11.98 -40.09 28.62
N GLU A 213 -12.80 -41.10 28.32
CA GLU A 213 -12.78 -42.39 28.99
C GLU A 213 -12.83 -43.46 27.92
N ARG A 214 -11.84 -44.36 27.92
CA ARG A 214 -11.69 -45.35 26.87
C ARG A 214 -12.31 -46.67 27.29
N ASN A 215 -12.25 -47.65 26.38
CA ASN A 215 -12.82 -48.98 26.62
C ASN A 215 -11.69 -49.99 26.49
N ALA A 216 -11.78 -50.93 25.55
CA ALA A 216 -10.73 -51.92 25.35
C ALA A 216 -10.83 -52.57 23.97
N VAL B 2 8.25 9.88 16.45
CA VAL B 2 8.74 9.10 15.31
C VAL B 2 8.75 9.97 14.06
N GLN B 3 9.83 9.88 13.29
CA GLN B 3 9.99 10.77 12.14
C GLN B 3 11.13 10.28 11.27
N LEU B 4 10.98 10.43 9.95
CA LEU B 4 12.02 10.16 8.98
C LEU B 4 12.21 11.39 8.11
N VAL B 5 13.41 11.96 8.14
CA VAL B 5 13.75 13.14 7.37
C VAL B 5 14.61 12.72 6.19
N GLU B 6 14.15 13.00 4.97
CA GLU B 6 14.91 12.70 3.78
C GLU B 6 15.25 13.98 3.02
N SER B 7 16.32 13.90 2.24
CA SER B 7 16.80 15.00 1.40
C SER B 7 17.81 14.42 0.43
N GLY B 8 18.56 15.30 -0.23
CA GLY B 8 19.53 14.89 -1.23
C GLY B 8 19.00 14.84 -2.64
N GLY B 9 17.70 15.09 -2.85
CA GLY B 9 17.13 15.05 -4.17
C GLY B 9 17.15 16.39 -4.88
N GLY B 10 16.76 16.36 -6.15
CA GLY B 10 16.74 17.56 -6.96
C GLY B 10 16.72 17.26 -8.46
N LEU B 11 17.43 18.08 -9.24
CA LEU B 11 17.46 17.93 -10.69
C LEU B 11 18.76 17.26 -11.10
N ILE B 12 18.66 16.20 -11.89
CA ILE B 12 19.81 15.48 -12.41
C ILE B 12 19.67 15.38 -13.92
N GLN B 13 20.79 15.53 -14.62
CA GLN B 13 20.79 15.27 -16.05
C GLN B 13 20.93 13.77 -16.29
N PRO B 14 20.31 13.25 -17.34
CA PRO B 14 20.34 11.81 -17.60
C PRO B 14 21.76 11.27 -17.59
N GLY B 15 21.90 10.01 -17.15
CA GLY B 15 23.20 9.43 -16.94
C GLY B 15 23.92 9.89 -15.70
N GLY B 16 23.36 10.85 -14.98
CA GLY B 16 23.98 11.38 -13.77
C GLY B 16 23.64 10.55 -12.55
N SER B 17 24.05 11.06 -11.39
CA SER B 17 23.85 10.35 -10.14
C SER B 17 23.65 11.33 -9.00
N LEU B 18 22.88 10.89 -8.01
CA LEU B 18 22.81 11.56 -6.72
C LEU B 18 22.70 10.50 -5.62
N ARG B 19 22.77 10.96 -4.38
CA ARG B 19 22.61 10.10 -3.21
C ARG B 19 21.54 10.68 -2.31
N LEU B 20 20.46 9.94 -2.11
CA LEU B 20 19.41 10.29 -1.17
C LEU B 20 19.78 9.79 0.22
N SER B 21 19.34 10.53 1.23
CA SER B 21 19.54 10.17 2.62
C SER B 21 18.20 10.19 3.35
N CYS B 22 18.08 9.36 4.39
CA CYS B 22 16.85 9.24 5.16
C CYS B 22 17.24 9.08 6.62
N GLU B 23 17.20 10.16 7.38
CA GLU B 23 17.62 10.15 8.78
C GLU B 23 16.45 9.82 9.69
N ALA B 24 16.76 9.16 10.80
CA ALA B 24 15.75 8.69 11.74
C ALA B 24 15.85 9.44 13.06
N SER B 25 14.70 9.61 13.71
CA SER B 25 14.64 10.24 15.02
C SER B 25 13.48 9.66 15.80
N ALA B 26 13.66 9.53 17.11
CA ALA B 26 12.63 9.08 18.05
C ALA B 26 12.27 7.61 17.86
N PHE B 27 13.21 6.80 17.40
CA PHE B 27 13.07 5.34 17.42
C PHE B 27 14.44 4.72 17.14
N THR B 28 14.58 3.47 17.58
CA THR B 28 15.85 2.75 17.43
C THR B 28 15.96 2.25 15.99
N PHE B 29 16.59 3.08 15.16
CA PHE B 29 16.71 2.79 13.73
C PHE B 29 17.45 1.49 13.46
N SER B 30 18.26 1.01 14.41
CA SER B 30 19.07 -0.19 14.21
C SER B 30 18.27 -1.48 14.25
N SER B 31 17.03 -1.46 14.72
CA SER B 31 16.23 -2.68 14.83
C SER B 31 15.13 -2.78 13.78
N TYR B 32 14.93 -1.74 12.96
CA TYR B 32 13.88 -1.77 11.96
C TYR B 32 14.44 -1.96 10.55
N GLU B 33 13.65 -2.62 9.72
CA GLU B 33 13.99 -2.88 8.32
C GLU B 33 13.42 -1.75 7.46
N MET B 34 14.24 -1.26 6.53
CA MET B 34 13.94 -0.04 5.80
C MET B 34 13.61 -0.31 4.35
N ASN B 35 13.01 0.69 3.71
CA ASN B 35 12.44 0.57 2.37
C ASN B 35 12.57 1.89 1.64
N TRP B 36 12.59 1.83 0.31
CA TRP B 36 12.51 3.01 -0.55
C TRP B 36 11.39 2.77 -1.55
N VAL B 37 10.46 3.72 -1.63
CA VAL B 37 9.30 3.63 -2.51
C VAL B 37 9.16 4.95 -3.25
N ARG B 38 9.00 4.89 -4.56
CA ARG B 38 8.88 6.09 -5.38
C ARG B 38 7.48 6.21 -5.98
N GLN B 39 7.20 7.41 -6.49
CA GLN B 39 5.89 7.72 -7.07
C GLN B 39 6.10 8.73 -8.20
N ALA B 40 5.78 8.31 -9.43
CA ALA B 40 5.91 9.17 -10.60
C ALA B 40 5.06 10.43 -10.43
N PRO B 41 5.31 11.47 -11.24
CA PRO B 41 4.67 12.78 -11.00
C PRO B 41 3.17 12.74 -10.74
N GLY B 42 2.45 11.75 -11.27
CA GLY B 42 1.03 11.65 -10.99
C GLY B 42 0.56 10.21 -10.92
N LYS B 43 1.49 9.28 -10.99
CA LYS B 43 1.16 7.86 -11.07
C LYS B 43 1.01 7.26 -9.68
N GLY B 44 1.24 5.95 -9.56
CA GLY B 44 1.08 5.24 -8.31
C GLY B 44 2.40 4.91 -7.64
N LEU B 45 2.31 4.09 -6.61
CA LEU B 45 3.46 3.74 -5.79
C LEU B 45 4.20 2.55 -6.39
N GLU B 46 5.53 2.59 -6.30
CA GLU B 46 6.38 1.53 -6.83
C GLU B 46 7.52 1.28 -5.85
N TRP B 47 7.66 0.04 -5.39
CA TRP B 47 8.75 -0.32 -4.50
C TRP B 47 10.07 -0.31 -5.25
N VAL B 48 11.07 0.38 -4.70
CA VAL B 48 12.38 0.43 -5.32
C VAL B 48 13.29 -0.66 -4.78
N SER B 49 13.44 -0.73 -3.45
CA SER B 49 14.42 -1.63 -2.85
C SER B 49 14.21 -1.66 -1.33
N TYR B 50 14.98 -2.51 -0.66
CA TYR B 50 14.74 -2.88 0.73
C TYR B 50 16.04 -3.41 1.33
N ILE B 51 16.16 -3.29 2.65
CA ILE B 51 17.34 -3.78 3.36
C ILE B 51 16.95 -4.12 4.79
N THR B 52 17.58 -5.17 5.33
CA THR B 52 17.34 -5.56 6.71
C THR B 52 18.08 -4.62 7.67
N SER B 53 17.76 -4.76 8.96
CA SER B 53 18.44 -3.97 9.97
C SER B 53 19.92 -4.33 10.07
N SER B 54 20.26 -5.58 9.80
CA SER B 54 21.65 -6.04 9.84
C SER B 54 22.44 -5.60 8.61
N GLY B 55 21.79 -5.06 7.59
CA GLY B 55 22.44 -4.85 6.32
C GLY B 55 22.74 -6.12 5.57
N SER B 56 22.12 -7.23 5.97
CA SER B 56 22.40 -8.53 5.36
C SER B 56 21.65 -8.68 4.03
N ARG B 57 20.33 -8.79 4.10
CA ARG B 57 19.53 -8.94 2.89
C ARG B 57 19.25 -7.59 2.26
N ILE B 58 19.53 -7.49 0.96
CA ILE B 58 19.24 -6.30 0.17
C ILE B 58 18.60 -6.76 -1.13
N TYR B 59 17.32 -6.44 -1.32
CA TYR B 59 16.62 -6.75 -2.55
C TYR B 59 16.27 -5.47 -3.29
N TYR B 60 16.18 -5.58 -4.62
CA TYR B 60 15.85 -4.45 -5.47
C TYR B 60 14.74 -4.85 -6.42
N ALA B 61 14.07 -3.84 -6.98
CA ALA B 61 13.11 -4.08 -8.03
C ALA B 61 13.83 -4.22 -9.36
N ASP B 62 13.16 -4.86 -10.33
CA ASP B 62 13.78 -5.16 -11.61
C ASP B 62 14.28 -3.90 -12.31
N SER B 63 13.44 -2.86 -12.33
CA SER B 63 13.73 -1.67 -13.12
C SER B 63 14.87 -0.83 -12.57
N VAL B 64 15.43 -1.17 -11.41
CA VAL B 64 16.54 -0.41 -10.83
C VAL B 64 17.75 -1.27 -10.51
N LYS B 65 17.72 -2.56 -10.84
CA LYS B 65 18.85 -3.43 -10.55
C LYS B 65 20.08 -2.99 -11.32
N GLY B 66 21.24 -3.10 -10.68
CA GLY B 66 22.50 -2.71 -11.29
C GLY B 66 22.68 -1.21 -11.48
N ARG B 67 21.75 -0.40 -11.01
CA ARG B 67 21.82 1.05 -11.13
C ARG B 67 21.71 1.75 -9.79
N PHE B 68 20.83 1.27 -8.91
CA PHE B 68 20.64 1.81 -7.58
C PHE B 68 21.26 0.85 -6.56
N THR B 69 21.79 1.41 -5.47
CA THR B 69 22.36 0.60 -4.40
C THR B 69 21.82 1.09 -3.05
N ILE B 70 21.38 0.15 -2.23
CA ILE B 70 20.95 0.44 -0.87
C ILE B 70 22.15 0.41 0.06
N SER B 71 22.20 1.36 0.99
CA SER B 71 23.15 1.31 2.08
C SER B 71 22.51 1.94 3.31
N ARG B 72 23.04 1.60 4.47
CA ARG B 72 22.59 2.20 5.72
C ARG B 72 23.75 2.25 6.69
N ASP B 73 23.79 3.31 7.48
CA ASP B 73 24.74 3.43 8.59
C ASP B 73 23.90 3.55 9.86
N ASN B 74 23.70 2.42 10.55
CA ASN B 74 23.00 2.43 11.82
C ASN B 74 23.72 3.32 12.84
N ALA B 75 25.01 3.56 12.65
CA ALA B 75 25.76 4.46 13.52
C ALA B 75 25.34 5.91 13.34
N LYS B 76 24.61 6.24 12.28
CA LYS B 76 24.14 7.60 12.07
C LYS B 76 22.63 7.67 11.84
N ASN B 77 21.89 6.58 12.08
CA ASN B 77 20.43 6.57 11.97
C ASN B 77 19.95 7.01 10.59
N SER B 78 20.71 6.68 9.55
CA SER B 78 20.42 7.18 8.22
C SER B 78 20.47 6.04 7.20
N LEU B 79 19.54 6.09 6.25
CA LEU B 79 19.44 5.15 5.15
C LEU B 79 19.76 5.87 3.84
N TYR B 80 20.39 5.16 2.91
CA TYR B 80 20.90 5.76 1.70
C TYR B 80 20.38 5.07 0.46
N LEU B 81 20.29 5.82 -0.63
CA LEU B 81 19.97 5.30 -1.96
C LEU B 81 20.90 5.97 -2.96
N GLN B 82 21.92 5.23 -3.41
CA GLN B 82 22.85 5.74 -4.41
C GLN B 82 22.28 5.42 -5.80
N MET B 83 21.85 6.45 -6.51
CA MET B 83 21.17 6.29 -7.79
C MET B 83 22.13 6.69 -8.91
N ASN B 84 22.66 5.69 -9.61
CA ASN B 84 23.55 5.91 -10.75
C ASN B 84 22.81 5.57 -12.04
N SER B 85 23.32 6.14 -13.14
CA SER B 85 22.77 5.91 -14.48
C SER B 85 21.28 6.27 -14.53
N LEU B 86 20.96 7.44 -14.00
CA LEU B 86 19.57 7.86 -13.90
C LEU B 86 18.95 8.08 -15.27
N ARG B 87 17.66 7.81 -15.37
CA ARG B 87 16.91 7.91 -16.61
C ARG B 87 15.69 8.79 -16.39
N VAL B 88 15.07 9.21 -17.49
CA VAL B 88 13.95 10.13 -17.42
C VAL B 88 12.76 9.48 -16.72
N GLU B 89 12.59 8.17 -16.88
CA GLU B 89 11.50 7.49 -16.19
C GLU B 89 11.77 7.28 -14.70
N ASP B 90 12.98 7.58 -14.24
CA ASP B 90 13.26 7.53 -12.81
C ASP B 90 12.76 8.77 -12.07
N THR B 91 12.28 9.79 -12.80
CA THR B 91 11.76 10.99 -12.17
C THR B 91 10.52 10.66 -11.34
N ALA B 92 10.60 10.93 -10.03
CA ALA B 92 9.52 10.58 -9.12
C ALA B 92 9.80 11.22 -7.76
N VAL B 93 8.83 11.12 -6.87
CA VAL B 93 9.02 11.42 -5.46
C VAL B 93 9.46 10.13 -4.77
N TYR B 94 10.57 10.19 -4.05
CA TYR B 94 11.17 9.00 -3.44
C TYR B 94 10.96 9.05 -1.93
N TYR B 95 10.17 8.11 -1.42
CA TYR B 95 9.91 7.99 0.01
C TYR B 95 10.76 6.89 0.62
N CYS B 96 11.22 7.11 1.85
CA CYS B 96 11.74 6.05 2.69
C CYS B 96 10.70 5.70 3.73
N ALA B 97 10.69 4.43 4.13
CA ALA B 97 9.70 3.96 5.10
C ALA B 97 10.26 2.75 5.85
N ARG B 98 9.77 2.56 7.07
CA ARG B 98 10.16 1.43 7.90
C ARG B 98 9.01 0.45 8.06
N LEU B 99 9.36 -0.84 8.15
CA LEU B 99 8.39 -1.89 8.36
C LEU B 99 8.05 -1.99 9.83
N LEU B 100 6.76 -2.17 10.13
CA LEU B 100 6.26 -2.38 11.50
C LEU B 100 7.17 -3.30 12.30
N ASP B 101 7.17 -4.57 11.93
CA ASP B 101 8.09 -5.55 12.49
C ASP B 101 8.90 -6.15 11.35
N SER B 102 10.08 -6.68 11.69
CA SER B 102 10.98 -7.19 10.66
C SER B 102 10.36 -8.39 9.97
N ILE B 103 10.78 -8.61 8.71
CA ILE B 103 10.19 -9.67 7.91
C ILE B 103 10.71 -11.02 8.38
N VAL B 104 9.78 -11.95 8.62
CA VAL B 104 10.14 -13.32 8.97
C VAL B 104 10.11 -14.12 7.67
N TRP B 105 11.29 -14.28 7.06
CA TRP B 105 11.37 -14.85 5.73
C TRP B 105 11.03 -16.33 5.71
N GLY B 106 11.68 -17.12 6.57
CA GLY B 106 11.46 -18.55 6.59
C GLY B 106 10.04 -18.94 6.95
N GLU B 107 9.31 -18.06 7.64
CA GLU B 107 7.93 -18.32 8.01
C GLU B 107 6.94 -17.57 7.13
N GLY B 108 7.42 -16.73 6.22
CA GLY B 108 6.55 -16.02 5.29
C GLY B 108 5.75 -14.90 5.91
N TRP B 109 6.24 -14.31 6.99
CA TRP B 109 5.51 -13.28 7.71
C TRP B 109 5.98 -11.90 7.23
N TYR B 110 5.05 -11.14 6.66
CA TYR B 110 5.33 -9.80 6.16
C TYR B 110 4.41 -8.81 6.87
N TYR B 111 4.97 -7.71 7.34
CA TYR B 111 4.21 -6.62 7.92
C TYR B 111 4.37 -5.38 7.05
N GLY B 112 3.43 -4.45 7.19
CA GLY B 112 3.41 -3.26 6.35
C GLY B 112 4.52 -2.27 6.61
N MET B 113 4.38 -1.06 6.08
CA MET B 113 5.33 0.02 6.28
C MET B 113 4.71 1.03 7.25
N ASP B 114 5.36 1.25 8.39
CA ASP B 114 4.73 2.00 9.48
C ASP B 114 4.83 3.50 9.26
N VAL B 115 6.06 4.02 9.19
CA VAL B 115 6.32 5.45 9.12
C VAL B 115 6.98 5.77 7.79
N TRP B 116 6.55 6.86 7.16
CA TRP B 116 7.08 7.29 5.87
C TRP B 116 7.74 8.66 6.02
N GLY B 117 8.70 8.92 5.13
CA GLY B 117 9.28 10.25 5.06
C GLY B 117 8.34 11.23 4.37
N GLN B 118 8.70 12.52 4.44
CA GLN B 118 7.84 13.53 3.85
C GLN B 118 7.85 13.49 2.34
N GLY B 119 8.89 12.92 1.75
CA GLY B 119 9.08 12.96 0.31
C GLY B 119 10.31 13.74 -0.08
N THR B 120 11.05 13.25 -1.08
CA THR B 120 12.11 14.02 -1.71
C THR B 120 11.98 13.83 -3.22
N THR B 121 11.99 14.94 -3.95
CA THR B 121 11.70 14.92 -5.38
C THR B 121 12.98 14.82 -6.18
N VAL B 122 13.02 13.89 -7.12
CA VAL B 122 14.15 13.72 -8.03
C VAL B 122 13.62 13.85 -9.45
N THR B 123 14.12 14.86 -10.16
CA THR B 123 13.76 15.09 -11.56
C THR B 123 14.96 14.78 -12.43
N VAL B 124 14.76 13.91 -13.42
CA VAL B 124 15.79 13.57 -14.38
C VAL B 124 15.33 14.11 -15.73
N SER B 125 15.80 15.30 -16.09
CA SER B 125 15.39 15.96 -17.32
C SER B 125 16.61 16.52 -18.05
N GLY B 126 16.66 16.30 -19.35
CA GLY B 126 17.70 16.87 -20.17
C GLY B 126 17.33 18.25 -20.67
N ALA B 127 16.95 19.13 -19.73
CA ALA B 127 16.49 20.47 -20.05
C ALA B 127 17.25 21.48 -19.23
N SER B 128 17.88 22.45 -19.89
CA SER B 128 18.51 23.54 -19.19
C SER B 128 17.46 24.46 -18.57
N THR B 129 17.81 25.07 -17.44
CA THR B 129 16.89 25.99 -16.78
C THR B 129 16.65 27.19 -17.69
N LYS B 130 15.40 27.34 -18.14
CA LYS B 130 15.02 28.38 -19.08
C LYS B 130 13.88 29.21 -18.51
N GLY B 131 13.96 30.52 -18.72
CA GLY B 131 12.89 31.42 -18.35
C GLY B 131 11.70 31.27 -19.26
N PRO B 132 10.51 31.60 -18.75
CA PRO B 132 9.30 31.42 -19.55
C PRO B 132 9.03 32.57 -20.50
N SER B 133 8.31 32.26 -21.57
CA SER B 133 7.77 33.25 -22.49
C SER B 133 6.30 33.46 -22.14
N VAL B 134 5.95 34.69 -21.78
CA VAL B 134 4.61 35.02 -21.29
C VAL B 134 3.80 35.62 -22.42
N PHE B 135 2.73 34.93 -22.83
CA PHE B 135 1.88 35.40 -23.91
C PHE B 135 0.52 35.82 -23.37
N PRO B 136 -0.09 36.87 -23.93
CA PRO B 136 -1.36 37.35 -23.39
C PRO B 136 -2.55 36.58 -23.95
N LEU B 137 -3.50 36.29 -23.08
CA LEU B 137 -4.76 35.67 -23.46
C LEU B 137 -5.82 36.77 -23.47
N ALA B 138 -6.08 37.32 -24.65
CA ALA B 138 -6.91 38.52 -24.76
C ALA B 138 -8.37 38.20 -24.42
N PRO B 139 -9.09 39.17 -23.86
CA PRO B 139 -10.52 38.97 -23.61
C PRO B 139 -11.30 38.88 -24.92
N SER B 140 -12.26 37.97 -24.94
CA SER B 140 -13.08 37.77 -26.13
C SER B 140 -14.05 38.92 -26.31
N SER B 141 -14.18 39.40 -27.54
CA SER B 141 -15.11 40.49 -27.85
C SER B 141 -16.43 39.94 -28.36
N GLY B 147 -21.44 39.56 -18.70
CA GLY B 147 -20.77 40.76 -18.23
C GLY B 147 -19.52 40.48 -17.44
N THR B 148 -19.11 39.21 -17.43
CA THR B 148 -17.88 38.78 -16.77
C THR B 148 -16.95 38.24 -17.84
N ALA B 149 -15.96 39.04 -18.23
CA ALA B 149 -15.03 38.65 -19.27
C ALA B 149 -13.94 37.75 -18.70
N ALA B 150 -13.26 37.05 -19.61
CA ALA B 150 -12.20 36.13 -19.25
C ALA B 150 -10.93 36.52 -19.99
N LEU B 151 -9.87 36.80 -19.24
CA LEU B 151 -8.56 37.07 -19.80
C LEU B 151 -7.50 36.49 -18.87
N GLY B 152 -6.38 36.07 -19.45
CA GLY B 152 -5.36 35.44 -18.65
C GLY B 152 -3.99 35.54 -19.28
N CYS B 153 -3.04 34.80 -18.70
CA CYS B 153 -1.66 34.80 -19.13
C CYS B 153 -1.20 33.37 -19.36
N LEU B 154 -0.68 33.10 -20.55
CA LEU B 154 -0.10 31.81 -20.88
C LEU B 154 1.41 31.87 -20.62
N VAL B 155 1.86 31.07 -19.67
CA VAL B 155 3.27 31.03 -19.29
C VAL B 155 3.85 29.75 -19.89
N LYS B 156 4.59 29.90 -20.99
CA LYS B 156 4.99 28.76 -21.81
C LYS B 156 6.50 28.56 -21.79
N ASP B 157 6.91 27.29 -21.80
CA ASP B 157 8.30 26.88 -22.03
C ASP B 157 9.24 27.45 -20.97
N TYR B 158 9.11 26.93 -19.76
CA TYR B 158 10.04 27.21 -18.69
C TYR B 158 10.49 25.90 -18.04
N PHE B 159 11.53 26.00 -17.22
CA PHE B 159 12.09 24.84 -16.53
C PHE B 159 13.11 25.31 -15.48
N PRO B 160 13.10 24.72 -14.28
CA PRO B 160 12.07 23.77 -13.84
C PRO B 160 10.93 24.48 -13.12
N GLU B 161 10.16 23.73 -12.35
CA GLU B 161 9.12 24.32 -11.54
C GLU B 161 9.72 25.03 -10.32
N PRO B 162 8.98 25.95 -9.69
CA PRO B 162 7.66 26.45 -10.07
C PRO B 162 7.67 27.89 -10.58
N VAL B 163 6.47 28.39 -10.87
CA VAL B 163 6.27 29.78 -11.27
C VAL B 163 5.09 30.34 -10.48
N THR B 164 5.23 31.58 -10.04
CA THR B 164 4.17 32.27 -9.31
C THR B 164 3.62 33.38 -10.19
N VAL B 165 2.29 33.46 -10.30
CA VAL B 165 1.61 34.44 -11.14
C VAL B 165 0.69 35.26 -10.24
N SER B 166 0.82 36.59 -10.33
CA SER B 166 -0.05 37.52 -9.63
C SER B 166 -0.56 38.55 -10.63
N TRP B 167 -1.72 39.12 -10.33
CA TRP B 167 -2.38 40.07 -11.22
C TRP B 167 -2.46 41.44 -10.58
N ASN B 168 -2.17 42.47 -11.37
CA ASN B 168 -2.18 43.86 -10.91
C ASN B 168 -1.25 44.07 -9.73
N SER B 169 -0.15 43.31 -9.68
CA SER B 169 0.84 43.30 -8.60
C SER B 169 0.25 42.89 -7.25
N GLY B 170 -0.95 42.31 -7.24
CA GLY B 170 -1.58 41.84 -6.01
C GLY B 170 -2.89 42.52 -5.69
N ALA B 171 -3.30 43.53 -6.45
CA ALA B 171 -4.56 44.22 -6.19
C ALA B 171 -5.76 43.38 -6.61
N LEU B 172 -5.67 42.72 -7.75
CA LEU B 172 -6.75 41.89 -8.27
C LEU B 172 -6.48 40.45 -7.86
N THR B 173 -7.17 39.99 -6.83
CA THR B 173 -7.10 38.60 -6.39
C THR B 173 -8.45 37.91 -6.42
N SER B 174 -9.52 38.60 -6.81
CA SER B 174 -10.83 38.00 -6.93
C SER B 174 -11.04 37.50 -8.36
N GLY B 175 -11.53 36.28 -8.49
CA GLY B 175 -11.62 35.64 -9.78
C GLY B 175 -10.32 35.16 -10.36
N VAL B 176 -9.20 35.42 -9.69
CA VAL B 176 -7.90 34.92 -10.15
C VAL B 176 -7.84 33.42 -9.93
N HIS B 177 -7.27 32.71 -10.91
CA HIS B 177 -7.23 31.26 -10.86
C HIS B 177 -6.05 30.79 -11.69
N THR B 178 -5.04 30.22 -11.03
CA THR B 178 -3.82 29.77 -11.69
C THR B 178 -3.84 28.24 -11.76
N PHE B 179 -3.89 27.72 -12.98
CA PHE B 179 -3.97 26.29 -13.18
C PHE B 179 -2.61 25.62 -12.92
N PRO B 180 -2.61 24.34 -12.57
CA PRO B 180 -1.35 23.60 -12.47
C PRO B 180 -0.63 23.57 -13.81
N ALA B 181 0.67 23.32 -13.74
CA ALA B 181 1.49 23.31 -14.95
C ALA B 181 1.45 21.93 -15.62
N VAL B 182 1.75 21.93 -16.91
CA VAL B 182 1.81 20.71 -17.71
C VAL B 182 3.23 20.55 -18.24
N LEU B 183 3.73 19.32 -18.20
CA LEU B 183 5.07 19.01 -18.68
C LEU B 183 4.98 18.56 -20.13
N GLN B 184 5.46 19.39 -21.06
CA GLN B 184 5.32 19.09 -22.47
C GLN B 184 6.35 18.06 -22.92
N SER B 185 6.31 17.74 -24.23
CA SER B 185 7.18 16.71 -24.78
C SER B 185 8.64 17.13 -24.73
N SER B 186 8.93 18.39 -25.04
CA SER B 186 10.29 18.93 -24.98
C SER B 186 10.86 19.03 -23.56
N GLY B 187 10.18 18.53 -22.54
CA GLY B 187 10.72 18.63 -21.21
C GLY B 187 10.51 19.97 -20.54
N LEU B 188 9.78 20.88 -21.16
CA LEU B 188 9.52 22.20 -20.61
C LEU B 188 8.08 22.29 -20.13
N TYR B 189 7.86 23.11 -19.11
CA TYR B 189 6.55 23.27 -18.50
C TYR B 189 5.81 24.46 -19.10
N SER B 190 4.49 24.43 -18.96
CA SER B 190 3.64 25.53 -19.37
C SER B 190 2.41 25.53 -18.49
N LEU B 191 1.96 26.73 -18.08
CA LEU B 191 0.76 26.87 -17.29
C LEU B 191 0.04 28.13 -17.70
N SER B 192 -1.16 28.31 -17.15
CA SER B 192 -1.99 29.48 -17.42
C SER B 192 -2.61 29.96 -16.12
N SER B 193 -2.93 31.26 -16.09
CA SER B 193 -3.61 31.87 -14.96
C SER B 193 -4.59 32.89 -15.49
N VAL B 194 -5.87 32.68 -15.26
CA VAL B 194 -6.93 33.51 -15.81
C VAL B 194 -7.71 34.16 -14.68
N VAL B 195 -8.06 35.42 -14.87
CA VAL B 195 -8.94 36.15 -13.97
C VAL B 195 -10.21 36.54 -14.72
N THR B 196 -11.35 36.42 -14.06
CA THR B 196 -12.64 36.81 -14.61
C THR B 196 -13.01 38.19 -14.04
N VAL B 197 -13.17 39.17 -14.93
CA VAL B 197 -13.42 40.55 -14.53
C VAL B 197 -14.70 41.03 -15.22
N PRO B 198 -15.30 42.11 -14.72
CA PRO B 198 -16.46 42.68 -15.41
C PRO B 198 -16.08 43.13 -16.82
N SER B 199 -16.95 42.79 -17.79
CA SER B 199 -16.72 43.19 -19.17
C SER B 199 -16.67 44.70 -19.35
N SER B 200 -17.13 45.44 -18.35
CA SER B 200 -17.20 46.90 -18.45
C SER B 200 -15.85 47.55 -18.20
N SER B 201 -15.10 47.06 -17.21
CA SER B 201 -13.78 47.58 -16.90
C SER B 201 -12.72 47.14 -17.91
N LEU B 202 -13.13 46.66 -19.08
CA LEU B 202 -12.17 46.24 -20.10
C LEU B 202 -11.52 47.45 -20.75
N GLY B 203 -12.28 48.50 -21.03
CA GLY B 203 -11.73 49.68 -21.66
C GLY B 203 -11.35 50.77 -20.67
N THR B 204 -11.18 50.40 -19.40
CA THR B 204 -10.82 51.36 -18.37
C THR B 204 -9.70 50.82 -17.49
N GLN B 205 -10.00 49.80 -16.70
CA GLN B 205 -8.99 49.21 -15.82
C GLN B 205 -7.95 48.47 -16.63
N THR B 206 -6.71 48.53 -16.17
CA THR B 206 -5.58 47.87 -16.82
C THR B 206 -5.26 46.58 -16.07
N TYR B 207 -5.08 45.49 -16.82
CA TYR B 207 -4.83 44.17 -16.26
C TYR B 207 -3.44 43.71 -16.67
N ILE B 208 -2.56 43.56 -15.70
CA ILE B 208 -1.18 43.11 -15.92
C ILE B 208 -0.90 41.94 -14.99
N CYS B 209 -0.48 40.82 -15.56
CA CYS B 209 -0.08 39.67 -14.75
C CYS B 209 1.42 39.71 -14.49
N ASN B 210 1.81 39.24 -13.31
CA ASN B 210 3.20 39.29 -12.86
C ASN B 210 3.70 37.86 -12.73
N VAL B 211 4.62 37.48 -13.62
CA VAL B 211 5.16 36.13 -13.69
C VAL B 211 6.56 36.15 -13.11
N ASN B 212 6.85 35.23 -12.20
CA ASN B 212 8.14 35.14 -11.53
C ASN B 212 8.61 33.70 -11.54
N HIS B 213 9.80 33.46 -12.10
CA HIS B 213 10.42 32.14 -12.13
C HIS B 213 11.78 32.26 -11.47
N LYS B 214 11.83 31.98 -10.16
CA LYS B 214 13.06 32.14 -9.41
C LYS B 214 14.23 31.30 -9.93
N PRO B 215 14.06 30.03 -10.31
CA PRO B 215 15.20 29.27 -10.83
C PRO B 215 15.88 29.88 -12.04
N SER B 216 15.28 30.90 -12.67
CA SER B 216 15.91 31.61 -13.77
C SER B 216 16.07 33.10 -13.50
N ASN B 217 15.59 33.60 -12.37
CA ASN B 217 15.61 35.03 -12.06
C ASN B 217 14.96 35.85 -13.16
N THR B 218 13.94 35.29 -13.80
CA THR B 218 13.18 35.97 -14.85
C THR B 218 11.89 36.49 -14.25
N LYS B 219 11.61 37.78 -14.46
CA LYS B 219 10.38 38.40 -14.01
C LYS B 219 9.77 39.17 -15.16
N VAL B 220 8.58 38.76 -15.59
CA VAL B 220 7.90 39.34 -16.73
C VAL B 220 6.59 39.95 -16.27
N ASP B 221 6.31 41.17 -16.73
CA ASP B 221 5.03 41.84 -16.49
C ASP B 221 4.41 42.13 -17.85
N LYS B 222 3.42 41.34 -18.24
CA LYS B 222 2.74 41.49 -19.50
C LYS B 222 1.36 42.09 -19.30
N ARG B 223 1.01 43.06 -20.14
CA ARG B 223 -0.27 43.73 -20.07
C ARG B 223 -1.25 43.08 -21.05
N VAL B 224 -2.43 42.74 -20.55
CA VAL B 224 -3.44 42.01 -21.31
C VAL B 224 -4.55 42.97 -21.68
N GLU B 225 -4.69 43.25 -22.98
CA GLU B 225 -5.68 44.16 -23.51
C GLU B 225 -6.49 43.47 -24.58
N PRO B 226 -7.69 43.99 -24.90
CA PRO B 226 -8.49 43.41 -25.99
C PRO B 226 -7.82 43.53 -27.36
N LYS B 227 -8.53 43.10 -28.41
CA LYS B 227 -8.00 43.15 -29.77
C LYS B 227 -8.88 44.05 -30.63
N SER B 228 -8.31 44.51 -31.74
CA SER B 228 -9.02 45.37 -32.68
C SER B 228 -9.32 44.62 -33.98
N SER C 3 6.22 -9.85 -12.24
CA SER C 3 5.32 -10.56 -13.14
C SER C 3 3.96 -10.77 -12.47
N TYR C 4 3.97 -11.01 -11.17
CA TYR C 4 2.75 -11.04 -10.38
C TYR C 4 2.11 -9.65 -10.37
N GLU C 5 0.79 -9.61 -10.46
CA GLU C 5 0.07 -8.37 -10.65
C GLU C 5 -1.09 -8.27 -9.67
N LEU C 6 -1.13 -7.18 -8.92
CA LEU C 6 -2.25 -6.89 -8.01
C LEU C 6 -3.25 -6.02 -8.77
N THR C 7 -4.41 -6.58 -9.08
CA THR C 7 -5.45 -5.84 -9.78
C THR C 7 -6.31 -5.07 -8.78
N GLN C 8 -6.64 -3.82 -9.14
CA GLN C 8 -7.33 -2.92 -8.24
C GLN C 8 -8.15 -1.94 -9.08
N SER C 9 -9.38 -1.67 -8.63
CA SER C 9 -10.22 -0.73 -9.33
C SER C 9 -9.68 0.69 -9.16
N PRO C 10 -9.82 1.55 -10.17
CA PRO C 10 -9.20 2.87 -10.10
C PRO C 10 -10.02 3.92 -9.34
N SER C 11 -11.34 3.84 -9.41
CA SER C 11 -12.19 4.85 -8.77
C SER C 11 -13.37 4.20 -8.09
N VAL C 12 -13.74 4.74 -6.93
CA VAL C 12 -14.93 4.35 -6.18
C VAL C 12 -15.55 5.61 -5.60
N SER C 13 -16.85 5.78 -5.78
CA SER C 13 -17.56 6.98 -5.33
C SER C 13 -18.64 6.59 -4.33
N VAL C 14 -18.63 7.25 -3.17
CA VAL C 14 -19.54 6.95 -2.08
C VAL C 14 -20.06 8.27 -1.53
N ALA C 15 -21.26 8.24 -0.94
CA ALA C 15 -21.88 9.41 -0.33
C ALA C 15 -21.50 9.53 1.14
N PRO C 16 -21.60 10.73 1.71
CA PRO C 16 -21.25 10.90 3.14
C PRO C 16 -22.08 10.01 4.04
N GLY C 17 -21.38 9.22 4.87
CA GLY C 17 -22.01 8.40 5.87
C GLY C 17 -22.18 6.93 5.50
N ARG C 18 -21.94 6.57 4.25
CA ARG C 18 -22.16 5.21 3.80
C ARG C 18 -20.86 4.41 3.89
N THR C 19 -20.89 3.17 3.40
CA THR C 19 -19.76 2.26 3.47
C THR C 19 -19.14 2.10 2.10
N ALA C 20 -17.81 2.20 2.03
CA ALA C 20 -17.06 2.05 0.79
C ALA C 20 -16.13 0.85 0.91
N ARG C 21 -16.10 0.02 -0.13
CA ARG C 21 -15.32 -1.21 -0.14
C ARG C 21 -14.35 -1.18 -1.30
N ILE C 22 -13.07 -1.12 -0.99
CA ILE C 22 -12.00 -1.13 -1.98
C ILE C 22 -11.43 -2.55 -2.06
N THR C 23 -11.37 -3.09 -3.27
CA THR C 23 -10.96 -4.47 -3.48
C THR C 23 -9.60 -4.53 -4.15
N CYS C 24 -8.85 -5.59 -3.83
CA CYS C 24 -7.51 -5.83 -4.36
C CYS C 24 -7.40 -7.29 -4.73
N GLY C 25 -7.26 -7.58 -6.02
CA GLY C 25 -7.22 -8.94 -6.52
C GLY C 25 -5.82 -9.42 -6.78
N GLY C 26 -5.56 -10.67 -6.40
CA GLY C 26 -4.26 -11.27 -6.62
C GLY C 26 -4.31 -12.75 -6.33
N ASN C 27 -3.39 -13.49 -6.97
CA ASN C 27 -3.32 -14.93 -6.79
C ASN C 27 -2.75 -15.25 -5.41
N ASP C 28 -3.55 -15.91 -4.57
CA ASP C 28 -3.19 -16.23 -3.20
C ASP C 28 -2.74 -14.97 -2.45
N ILE C 29 -3.65 -14.00 -2.40
CA ILE C 29 -3.35 -12.73 -1.75
C ILE C 29 -3.36 -12.88 -0.23
N GLY C 30 -4.23 -13.75 0.30
CA GLY C 30 -4.33 -13.88 1.74
C GLY C 30 -3.16 -14.63 2.34
N LEU C 31 -2.60 -15.57 1.59
CA LEU C 31 -1.45 -16.32 2.09
C LEU C 31 -0.21 -15.45 2.20
N LYS C 32 -0.11 -14.44 1.33
CA LYS C 32 1.01 -13.52 1.36
C LYS C 32 0.83 -12.47 2.45
N GLY C 33 -0.38 -11.94 2.59
CA GLY C 33 -0.63 -10.84 3.49
C GLY C 33 -0.71 -9.52 2.73
N VAL C 34 -1.90 -8.96 2.63
CA VAL C 34 -2.12 -7.72 1.90
C VAL C 34 -2.12 -6.56 2.88
N HIS C 35 -1.45 -5.48 2.50
CA HIS C 35 -1.32 -4.28 3.31
C HIS C 35 -1.90 -3.09 2.57
N TRP C 36 -2.63 -2.24 3.28
CA TRP C 36 -3.35 -1.12 2.69
C TRP C 36 -2.74 0.20 3.14
N TYR C 37 -2.66 1.16 2.22
CA TYR C 37 -2.12 2.48 2.50
C TYR C 37 -3.08 3.55 2.03
N GLN C 38 -3.18 4.62 2.81
CA GLN C 38 -4.00 5.77 2.47
C GLN C 38 -3.09 6.95 2.14
N GLN C 39 -3.21 7.46 0.92
CA GLN C 39 -2.44 8.63 0.48
C GLN C 39 -3.41 9.75 0.14
N LYS C 40 -3.32 10.84 0.88
CA LYS C 40 -4.08 12.05 0.57
C LYS C 40 -3.27 12.94 -0.37
N PRO C 41 -3.95 13.79 -1.16
CA PRO C 41 -3.24 14.59 -2.17
C PRO C 41 -2.13 15.44 -1.58
N GLY C 42 -0.91 15.24 -2.10
CA GLY C 42 0.26 15.95 -1.63
C GLY C 42 0.91 15.39 -0.39
N GLN C 43 0.33 14.36 0.23
CA GLN C 43 0.81 13.82 1.47
C GLN C 43 1.47 12.46 1.25
N ALA C 44 2.28 12.07 2.22
CA ALA C 44 2.89 10.74 2.21
C ALA C 44 1.82 9.68 2.45
N PRO C 45 2.12 8.42 2.12
CA PRO C 45 1.17 7.35 2.41
C PRO C 45 1.00 7.12 3.90
N VAL C 46 -0.15 6.58 4.27
CA VAL C 46 -0.46 6.23 5.65
C VAL C 46 -0.90 4.77 5.69
N LEU C 47 -0.19 3.95 6.44
CA LEU C 47 -0.58 2.56 6.63
C LEU C 47 -1.87 2.50 7.44
N VAL C 48 -2.91 1.89 6.87
CA VAL C 48 -4.19 1.75 7.56
C VAL C 48 -4.56 0.31 7.85
N LEU C 49 -3.88 -0.67 7.25
CA LEU C 49 -4.13 -2.07 7.52
C LEU C 49 -2.91 -2.87 7.09
N TYR C 50 -2.51 -3.84 7.92
CA TYR C 50 -1.44 -4.74 7.58
C TYR C 50 -1.89 -6.17 7.85
N ASP C 51 -1.23 -7.11 7.18
CA ASP C 51 -1.53 -8.54 7.28
C ASP C 51 -3.03 -8.80 7.20
N ASN C 52 -3.61 -8.32 6.10
CA ASN C 52 -5.03 -8.53 5.76
C ASN C 52 -5.98 -7.80 6.71
N ASN C 53 -5.98 -8.17 7.98
CA ASN C 53 -6.99 -7.69 8.92
C ASN C 53 -6.46 -6.78 10.02
N HIS C 54 -5.15 -6.79 10.29
CA HIS C 54 -4.61 -6.11 11.47
C HIS C 54 -4.58 -4.60 11.25
N ARG C 55 -5.09 -3.86 12.24
CA ARG C 55 -5.26 -2.43 12.14
C ARG C 55 -4.18 -1.73 12.96
N PRO C 56 -3.37 -0.85 12.37
CA PRO C 56 -2.34 -0.15 13.15
C PRO C 56 -2.94 0.79 14.17
N SER C 57 -2.10 1.20 15.12
CA SER C 57 -2.54 2.12 16.16
C SER C 57 -2.80 3.51 15.59
N GLY C 58 -3.79 4.18 16.17
CA GLY C 58 -4.24 5.46 15.64
C GLY C 58 -5.16 5.35 14.44
N ILE C 59 -5.25 4.18 13.82
CA ILE C 59 -6.20 3.98 12.72
C ILE C 59 -7.58 3.70 13.32
N PRO C 60 -8.61 4.42 12.91
CA PRO C 60 -9.95 4.20 13.47
C PRO C 60 -10.47 2.80 13.17
N GLU C 61 -11.32 2.30 14.05
CA GLU C 61 -11.99 1.02 13.84
C GLU C 61 -12.95 1.03 12.66
N ARG C 62 -13.16 2.19 12.02
CA ARG C 62 -13.94 2.24 10.80
C ARG C 62 -13.25 1.50 9.65
N PHE C 63 -11.95 1.24 9.76
CA PHE C 63 -11.19 0.56 8.74
C PHE C 63 -11.05 -0.92 9.09
N SER C 64 -11.41 -1.78 8.16
CA SER C 64 -11.38 -3.23 8.38
C SER C 64 -10.97 -3.91 7.07
N GLY C 65 -10.67 -5.19 7.18
CA GLY C 65 -10.21 -5.96 6.02
C GLY C 65 -10.62 -7.41 6.04
N SER C 66 -10.96 -7.94 4.87
CA SER C 66 -11.35 -9.34 4.72
C SER C 66 -10.62 -9.96 3.54
N ILE C 67 -10.52 -11.29 3.56
CA ILE C 67 -9.88 -12.06 2.50
C ILE C 67 -10.89 -13.09 2.01
N SER C 68 -11.43 -12.87 0.82
CA SER C 68 -12.38 -13.78 0.21
C SER C 68 -11.71 -14.59 -0.90
N GLY C 69 -10.71 -15.38 -0.51
CA GLY C 69 -9.96 -16.19 -1.45
C GLY C 69 -8.86 -15.41 -2.13
N ASP C 70 -9.01 -15.17 -3.43
CA ASP C 70 -8.06 -14.38 -4.21
C ASP C 70 -8.45 -12.91 -4.29
N THR C 71 -9.29 -12.43 -3.37
CA THR C 71 -9.75 -11.05 -3.39
C THR C 71 -9.69 -10.47 -1.98
N ALA C 72 -8.95 -9.38 -1.82
CA ALA C 72 -8.84 -8.67 -0.55
C ALA C 72 -9.66 -7.40 -0.61
N THR C 73 -10.26 -7.03 0.53
CA THR C 73 -11.17 -5.89 0.59
C THR C 73 -10.83 -5.00 1.78
N LEU C 74 -10.72 -3.71 1.52
CA LEU C 74 -10.63 -2.68 2.56
C LEU C 74 -12.00 -2.06 2.73
N THR C 75 -12.52 -2.07 3.96
CA THR C 75 -13.86 -1.57 4.25
C THR C 75 -13.76 -0.35 5.15
N VAL C 76 -14.41 0.73 4.74
CA VAL C 76 -14.44 1.98 5.49
C VAL C 76 -15.91 2.30 5.79
N THR C 77 -16.24 2.42 7.07
CA THR C 77 -17.59 2.72 7.50
C THR C 77 -17.71 4.19 7.88
N ARG C 78 -18.94 4.70 7.80
CA ARG C 78 -19.25 6.09 8.12
C ARG C 78 -18.33 7.05 7.36
N VAL C 79 -18.25 6.84 6.05
CA VAL C 79 -17.27 7.54 5.23
C VAL C 79 -17.53 9.04 5.29
N GLU C 80 -16.46 9.80 5.46
CA GLU C 80 -16.51 11.25 5.55
C GLU C 80 -15.56 11.86 4.54
N ALA C 81 -15.55 13.19 4.49
CA ALA C 81 -14.71 13.89 3.52
C ALA C 81 -13.23 13.72 3.82
N ASP C 82 -12.87 13.61 5.12
CA ASP C 82 -11.47 13.39 5.48
C ASP C 82 -10.95 12.07 4.93
N ASP C 83 -11.83 11.10 4.72
CA ASP C 83 -11.45 9.79 4.22
C ASP C 83 -11.16 9.79 2.72
N GLY C 84 -11.49 10.87 2.01
CA GLY C 84 -11.25 10.93 0.58
C GLY C 84 -9.76 10.94 0.27
N ALA C 85 -9.27 9.91 -0.41
CA ALA C 85 -7.85 9.79 -0.70
C ALA C 85 -7.65 8.65 -1.69
N ASP C 86 -6.39 8.39 -2.04
CA ASP C 86 -6.04 7.24 -2.87
C ASP C 86 -5.58 6.11 -1.96
N TYR C 87 -6.07 4.90 -2.23
CA TYR C 87 -5.79 3.73 -1.40
C TYR C 87 -5.09 2.68 -2.24
N PHE C 88 -3.94 2.22 -1.76
CA PHE C 88 -3.12 1.23 -2.45
C PHE C 88 -3.00 -0.02 -1.60
N CYS C 89 -2.99 -1.18 -2.24
CA CYS C 89 -2.75 -2.45 -1.58
C CYS C 89 -1.34 -2.93 -1.90
N GLN C 90 -0.82 -3.79 -1.02
CA GLN C 90 0.57 -4.23 -1.12
C GLN C 90 0.72 -5.65 -0.62
N VAL C 91 1.53 -6.44 -1.31
CA VAL C 91 1.97 -7.74 -0.83
C VAL C 91 3.45 -7.88 -1.10
N TRP C 92 4.07 -8.87 -0.44
CA TRP C 92 5.40 -9.32 -0.80
C TRP C 92 5.28 -10.62 -1.57
N ASP C 93 6.16 -10.81 -2.54
CA ASP C 93 6.11 -11.98 -3.41
C ASP C 93 7.50 -12.61 -3.47
N THR C 94 7.59 -13.85 -2.99
CA THR C 94 8.79 -14.66 -3.13
C THR C 94 8.56 -15.85 -4.05
N SER C 95 7.34 -16.03 -4.56
CA SER C 95 7.00 -17.13 -5.45
C SER C 95 6.90 -16.68 -6.91
N SER C 96 7.74 -15.71 -7.30
CA SER C 96 7.81 -15.28 -8.70
C SER C 96 9.20 -14.77 -9.06
N GLY C 97 10.23 -15.34 -8.47
CA GLY C 97 11.58 -14.86 -8.63
C GLY C 97 12.15 -14.41 -7.31
N PRO C 98 13.15 -13.53 -7.35
CA PRO C 98 13.70 -12.94 -6.13
C PRO C 98 12.61 -12.20 -5.36
N PRO C 99 12.80 -12.02 -4.04
CA PRO C 99 11.82 -11.26 -3.26
C PRO C 99 11.58 -9.86 -3.82
N HIS C 100 10.36 -9.61 -4.28
CA HIS C 100 10.00 -8.30 -4.80
C HIS C 100 8.63 -7.89 -4.25
N VAL C 101 8.43 -6.58 -4.15
CA VAL C 101 7.21 -6.00 -3.62
C VAL C 101 6.34 -5.54 -4.76
N ILE C 102 5.02 -5.71 -4.62
CA ILE C 102 4.06 -5.38 -5.65
C ILE C 102 2.96 -4.52 -5.05
N PHE C 103 2.67 -3.40 -5.70
CA PHE C 103 1.57 -2.53 -5.31
C PHE C 103 0.40 -2.70 -6.28
N GLY C 104 -0.74 -2.15 -5.91
CA GLY C 104 -1.86 -2.02 -6.80
C GLY C 104 -1.86 -0.66 -7.47
N GLY C 105 -2.70 -0.53 -8.49
CA GLY C 105 -2.82 0.75 -9.20
C GLY C 105 -3.31 1.87 -8.31
N GLY C 106 -4.08 1.54 -7.28
CA GLY C 106 -4.64 2.56 -6.40
C GLY C 106 -6.11 2.82 -6.71
N THR C 107 -6.92 3.02 -5.67
CA THR C 107 -8.35 3.28 -5.83
C THR C 107 -8.65 4.65 -5.24
N LYS C 108 -8.98 5.61 -6.12
CA LYS C 108 -9.35 6.94 -5.66
C LYS C 108 -10.78 6.89 -5.12
N LEU C 109 -10.93 7.27 -3.85
CA LEU C 109 -12.24 7.29 -3.20
C LEU C 109 -12.77 8.72 -3.23
N THR C 110 -13.78 8.95 -4.04
CA THR C 110 -14.45 10.25 -4.10
C THR C 110 -15.66 10.22 -3.16
N VAL C 111 -15.77 11.25 -2.32
CA VAL C 111 -16.72 11.21 -1.20
C VAL C 111 -18.04 11.90 -1.51
N LEU C 112 -18.13 12.61 -2.63
CA LEU C 112 -19.38 13.22 -3.09
C LEU C 112 -20.04 14.02 -1.96
N SER C 113 -19.26 14.96 -1.41
CA SER C 113 -19.68 15.79 -0.28
C SER C 113 -20.09 17.19 -0.70
N GLN C 114 -20.62 17.35 -1.91
CA GLN C 114 -20.93 18.65 -2.47
C GLN C 114 -21.88 18.45 -3.64
N PRO C 115 -22.83 19.35 -3.86
CA PRO C 115 -23.72 19.20 -5.02
C PRO C 115 -22.95 19.27 -6.33
N LYS C 116 -23.51 18.64 -7.36
CA LYS C 116 -22.85 18.57 -8.65
C LYS C 116 -22.70 19.96 -9.27
N GLY C 117 -21.59 20.16 -9.96
CA GLY C 117 -21.31 21.44 -10.59
C GLY C 117 -20.95 21.33 -12.06
N ALA C 118 -21.56 22.16 -12.89
CA ALA C 118 -21.28 22.16 -14.32
C ALA C 118 -19.96 22.87 -14.60
N PRO C 119 -19.20 22.42 -15.58
CA PRO C 119 -17.90 23.04 -15.85
C PRO C 119 -18.05 24.36 -16.60
N SER C 120 -17.26 25.34 -16.18
CA SER C 120 -17.21 26.66 -16.81
C SER C 120 -16.01 26.68 -17.75
N VAL C 121 -16.27 26.55 -19.05
CA VAL C 121 -15.23 26.37 -20.06
C VAL C 121 -14.97 27.69 -20.76
N THR C 122 -13.69 28.05 -20.89
CA THR C 122 -13.25 29.20 -21.67
C THR C 122 -12.13 28.74 -22.59
N LEU C 123 -12.24 29.08 -23.88
CA LEU C 123 -11.29 28.65 -24.89
C LEU C 123 -10.61 29.87 -25.50
N PHE C 124 -9.28 29.87 -25.51
CA PHE C 124 -8.49 30.96 -26.06
C PHE C 124 -7.79 30.51 -27.34
N PRO C 125 -7.80 31.33 -28.38
CA PRO C 125 -7.00 31.02 -29.57
C PRO C 125 -5.57 31.45 -29.37
N PRO C 126 -4.64 30.97 -30.19
CA PRO C 126 -3.25 31.43 -30.07
C PRO C 126 -3.15 32.93 -30.32
N SER C 127 -2.39 33.59 -29.47
CA SER C 127 -2.28 35.04 -29.51
C SER C 127 -1.39 35.49 -30.68
N SER C 128 -1.45 36.79 -30.97
CA SER C 128 -0.61 37.35 -32.02
C SER C 128 0.86 37.26 -31.64
N GLU C 129 1.19 37.69 -30.42
CA GLU C 129 2.57 37.59 -29.93
C GLU C 129 3.11 36.17 -30.11
N GLU C 130 2.29 35.17 -29.77
CA GLU C 130 2.73 33.79 -29.88
C GLU C 130 2.85 33.35 -31.33
N LEU C 131 1.88 33.74 -32.17
CA LEU C 131 2.01 33.47 -33.60
C LEU C 131 3.22 34.16 -34.19
N GLN C 132 3.68 35.24 -33.55
CA GLN C 132 4.89 35.93 -33.99
C GLN C 132 6.16 35.20 -33.55
N ALA C 133 6.09 34.40 -32.49
CA ALA C 133 7.20 33.57 -32.08
C ALA C 133 7.23 32.22 -32.80
N ASN C 134 6.47 32.09 -33.89
CA ASN C 134 6.40 30.87 -34.68
C ASN C 134 5.99 29.67 -33.84
N LYS C 135 5.03 29.88 -32.94
CA LYS C 135 4.46 28.82 -32.13
C LYS C 135 2.97 29.05 -32.01
N ALA C 136 2.23 27.97 -31.77
CA ALA C 136 0.78 28.03 -31.68
C ALA C 136 0.30 27.14 -30.55
N THR C 137 -0.50 27.71 -29.64
CA THR C 137 -1.09 26.95 -28.55
C THR C 137 -2.53 27.41 -28.34
N LEU C 138 -3.45 26.46 -28.37
CA LEU C 138 -4.83 26.71 -27.97
C LEU C 138 -4.99 26.30 -26.51
N VAL C 139 -5.64 27.16 -25.74
CA VAL C 139 -5.80 26.98 -24.30
C VAL C 139 -7.27 26.82 -23.99
N CYS C 140 -7.63 25.73 -23.31
CA CYS C 140 -9.01 25.43 -22.94
C CYS C 140 -9.05 25.26 -21.43
N LEU C 141 -9.80 26.14 -20.76
CA LEU C 141 -9.75 26.29 -19.32
C LEU C 141 -11.10 25.91 -18.71
N ILE C 142 -11.06 24.98 -17.76
CA ILE C 142 -12.25 24.39 -17.16
C ILE C 142 -12.22 24.65 -15.67
N SER C 143 -13.31 25.19 -15.13
CA SER C 143 -13.34 25.54 -13.72
C SER C 143 -14.74 25.37 -13.16
N ASP C 144 -14.80 25.17 -11.84
CA ASP C 144 -16.05 25.18 -11.07
C ASP C 144 -16.95 23.98 -11.40
N PHE C 145 -16.37 22.79 -11.47
CA PHE C 145 -17.15 21.58 -11.66
C PHE C 145 -16.93 20.61 -10.50
N TYR C 146 -17.87 19.68 -10.35
CA TYR C 146 -17.84 18.68 -9.29
C TYR C 146 -18.83 17.57 -9.63
N PRO C 147 -18.43 16.29 -9.55
CA PRO C 147 -17.14 15.73 -9.13
C PRO C 147 -15.98 16.09 -10.05
N GLY C 148 -14.76 15.98 -9.53
CA GLY C 148 -13.58 16.27 -10.32
C GLY C 148 -13.21 15.17 -11.29
N ALA C 149 -14.08 14.90 -12.25
CA ALA C 149 -13.85 13.87 -13.27
C ALA C 149 -14.40 14.39 -14.58
N VAL C 150 -13.50 14.67 -15.53
CA VAL C 150 -13.89 15.36 -16.77
C VAL C 150 -13.02 14.85 -17.91
N THR C 151 -13.60 14.84 -19.11
CA THR C 151 -12.91 14.40 -20.32
C THR C 151 -12.93 15.52 -21.35
N VAL C 152 -11.81 15.70 -22.04
CA VAL C 152 -11.64 16.77 -23.01
C VAL C 152 -11.23 16.15 -24.34
N ALA C 153 -11.98 16.44 -25.40
CA ALA C 153 -11.63 16.05 -26.75
C ALA C 153 -11.52 17.29 -27.63
N TRP C 154 -10.47 17.33 -28.44
CA TRP C 154 -10.26 18.42 -29.38
C TRP C 154 -10.66 17.99 -30.79
N LYS C 155 -11.01 18.97 -31.61
CA LYS C 155 -11.45 18.68 -32.97
C LYS C 155 -10.76 19.63 -33.95
N ALA C 156 -10.12 19.06 -34.98
CA ALA C 156 -9.47 19.82 -36.04
C ALA C 156 -10.44 20.79 -36.69
N ASP C 157 -11.21 20.28 -37.66
CA ASP C 157 -12.33 21.02 -38.21
C ASP C 157 -13.61 20.48 -37.57
N SER C 158 -13.98 19.27 -37.97
CA SER C 158 -14.94 18.46 -37.23
C SER C 158 -14.41 17.04 -37.03
N SER C 159 -13.10 16.84 -37.19
CA SER C 159 -12.25 15.66 -37.09
C SER C 159 -11.52 15.62 -35.76
N PRO C 160 -11.42 14.47 -35.10
CA PRO C 160 -10.76 14.42 -33.80
C PRO C 160 -9.25 14.60 -33.95
N VAL C 161 -8.69 15.47 -33.11
CA VAL C 161 -7.24 15.63 -32.97
C VAL C 161 -6.82 15.05 -31.63
N LYS C 162 -5.79 14.21 -31.65
CA LYS C 162 -5.28 13.64 -30.41
C LYS C 162 -3.76 13.77 -30.30
N ALA C 163 -3.10 14.36 -31.29
CA ALA C 163 -1.68 14.61 -31.23
C ALA C 163 -1.43 16.06 -30.82
N GLY C 164 -0.55 16.26 -29.84
CA GLY C 164 -0.27 17.59 -29.36
C GLY C 164 -1.20 18.11 -28.30
N VAL C 165 -2.04 17.25 -27.73
CA VAL C 165 -2.98 17.63 -26.67
C VAL C 165 -2.35 17.33 -25.32
N GLU C 166 -2.56 18.23 -24.36
CA GLU C 166 -1.94 18.13 -23.04
C GLU C 166 -2.95 18.59 -22.01
N THR C 167 -3.54 17.63 -21.29
CA THR C 167 -4.57 17.91 -20.29
C THR C 167 -4.02 17.65 -18.90
N THR C 168 -4.33 18.53 -17.96
CA THR C 168 -3.95 18.35 -16.57
C THR C 168 -5.00 17.51 -15.84
N THR C 169 -4.56 16.87 -14.76
CA THR C 169 -5.50 16.16 -13.90
C THR C 169 -6.30 17.16 -13.08
N PRO C 170 -7.59 16.89 -12.85
CA PRO C 170 -8.42 17.84 -12.11
C PRO C 170 -7.83 18.18 -10.75
N SER C 171 -7.83 19.48 -10.42
CA SER C 171 -7.24 19.98 -9.20
C SER C 171 -8.29 20.70 -8.36
N LYS C 172 -8.12 20.62 -7.04
CA LYS C 172 -9.08 21.21 -6.11
C LYS C 172 -8.91 22.73 -6.05
N GLN C 173 -10.04 23.45 -6.12
CA GLN C 173 -10.04 24.90 -5.98
C GLN C 173 -10.22 25.29 -4.52
N SER C 174 -10.38 26.59 -4.28
CA SER C 174 -10.73 27.05 -2.94
C SER C 174 -12.18 26.72 -2.61
N ASN C 175 -13.08 26.91 -3.56
CA ASN C 175 -14.51 26.67 -3.34
C ASN C 175 -14.85 25.17 -3.32
N ASN C 176 -13.83 24.33 -3.10
CA ASN C 176 -13.97 22.89 -2.96
C ASN C 176 -14.47 22.23 -4.25
N LYS C 177 -14.64 23.03 -5.30
CA LYS C 177 -14.90 22.49 -6.63
C LYS C 177 -13.55 22.23 -7.31
N TYR C 178 -13.60 21.71 -8.53
CA TYR C 178 -12.39 21.29 -9.23
C TYR C 178 -12.20 22.09 -10.52
N ALA C 179 -10.99 22.00 -11.06
CA ALA C 179 -10.62 22.74 -12.25
C ALA C 179 -9.46 22.03 -12.96
N ALA C 180 -9.40 22.21 -14.28
CA ALA C 180 -8.36 21.60 -15.07
C ALA C 180 -8.20 22.39 -16.38
N SER C 181 -7.03 22.23 -17.00
CA SER C 181 -6.71 22.91 -18.24
C SER C 181 -6.22 21.92 -19.28
N SER C 182 -6.33 22.31 -20.54
CA SER C 182 -5.92 21.45 -21.65
C SER C 182 -5.36 22.33 -22.77
N TYR C 183 -4.22 21.93 -23.31
CA TYR C 183 -3.49 22.72 -24.30
C TYR C 183 -3.37 21.93 -25.60
N LEU C 184 -3.63 22.59 -26.73
CA LEU C 184 -3.39 22.03 -28.04
C LEU C 184 -2.28 22.84 -28.70
N SER C 185 -1.13 22.21 -28.92
CA SER C 185 0.03 22.86 -29.52
C SER C 185 0.07 22.53 -31.01
N LEU C 186 0.09 23.56 -31.84
CA LEU C 186 0.17 23.40 -33.29
C LEU C 186 1.32 24.25 -33.82
N THR C 187 1.52 24.16 -35.11
CA THR C 187 2.35 25.13 -35.80
C THR C 187 1.48 26.28 -36.33
N PRO C 188 2.05 27.47 -36.52
CA PRO C 188 1.25 28.58 -37.05
C PRO C 188 0.53 28.27 -38.35
N GLU C 189 1.11 27.42 -39.21
CA GLU C 189 0.43 27.06 -40.45
C GLU C 189 -0.84 26.26 -40.17
N GLN C 190 -0.73 25.24 -39.32
CA GLN C 190 -1.90 24.42 -39.00
C GLN C 190 -3.02 25.25 -38.39
N TRP C 191 -2.66 26.24 -37.56
CA TRP C 191 -3.67 27.14 -37.01
C TRP C 191 -4.40 27.90 -38.10
N LYS C 192 -3.70 28.27 -39.19
CA LYS C 192 -4.33 29.00 -40.28
C LYS C 192 -4.92 28.10 -41.35
N SER C 193 -4.44 26.86 -41.47
CA SER C 193 -4.90 25.96 -42.52
C SER C 193 -6.29 25.39 -42.26
N HIS C 194 -6.77 25.41 -41.03
CA HIS C 194 -8.10 24.93 -40.69
C HIS C 194 -9.06 26.10 -40.53
N ARG C 195 -10.36 25.78 -40.59
CA ARG C 195 -11.39 26.78 -40.38
C ARG C 195 -11.66 27.04 -38.90
N SER C 196 -11.99 26.01 -38.14
CA SER C 196 -12.43 26.20 -36.76
C SER C 196 -12.03 25.01 -35.92
N TYR C 197 -11.43 25.28 -34.76
CA TYR C 197 -11.06 24.25 -33.79
C TYR C 197 -12.08 24.21 -32.66
N SER C 198 -12.12 23.08 -31.96
CA SER C 198 -13.16 22.85 -30.96
C SER C 198 -12.59 22.21 -29.71
N CYS C 199 -13.02 22.72 -28.54
CA CYS C 199 -12.75 22.09 -27.25
C CYS C 199 -14.07 21.56 -26.69
N GLN C 200 -14.24 20.23 -26.72
CA GLN C 200 -15.41 19.59 -26.15
C GLN C 200 -15.06 19.06 -24.76
N VAL C 201 -15.73 19.59 -23.74
CA VAL C 201 -15.50 19.22 -22.35
C VAL C 201 -16.75 18.54 -21.84
N THR C 202 -16.63 17.25 -21.49
CA THR C 202 -17.75 16.44 -21.08
C THR C 202 -17.67 16.16 -19.59
N HIS C 203 -18.73 16.49 -18.87
CA HIS C 203 -18.79 16.29 -17.42
C HIS C 203 -20.20 15.87 -17.05
N GLU C 204 -20.34 14.67 -16.49
CA GLU C 204 -21.63 14.12 -16.07
C GLU C 204 -22.61 14.06 -17.23
N GLY C 205 -22.14 13.52 -18.36
CA GLY C 205 -23.00 13.24 -19.49
C GLY C 205 -23.29 14.45 -20.36
N SER C 206 -23.34 15.62 -19.75
CA SER C 206 -23.60 16.86 -20.46
C SER C 206 -22.29 17.43 -20.96
N THR C 207 -22.16 17.59 -22.27
CA THR C 207 -20.94 18.05 -22.91
C THR C 207 -21.04 19.52 -23.27
N VAL C 208 -19.96 20.27 -23.05
CA VAL C 208 -19.85 21.67 -23.41
C VAL C 208 -18.80 21.81 -24.51
N GLU C 209 -19.09 22.64 -25.51
CA GLU C 209 -18.20 22.85 -26.63
C GLU C 209 -17.93 24.34 -26.81
N LYS C 210 -16.66 24.70 -26.89
CA LYS C 210 -16.22 26.04 -27.25
C LYS C 210 -15.40 25.97 -28.53
N THR C 211 -15.41 27.08 -29.28
CA THR C 211 -14.84 27.08 -30.63
C THR C 211 -14.04 28.37 -30.85
N VAL C 212 -12.89 28.23 -31.51
CA VAL C 212 -12.07 29.36 -31.92
C VAL C 212 -11.64 29.13 -33.36
N ALA C 213 -11.40 30.24 -34.08
CA ALA C 213 -11.11 30.18 -35.51
C ALA C 213 -10.07 31.23 -35.90
N PRO C 214 -9.17 30.89 -36.83
CA PRO C 214 -8.20 31.90 -37.29
C PRO C 214 -8.83 33.05 -38.05
N THR C 215 -9.88 32.80 -38.84
CA THR C 215 -10.56 33.84 -39.61
C THR C 215 -11.38 34.78 -38.72
N GLU C 216 -10.82 35.19 -37.59
CA GLU C 216 -11.52 36.00 -36.61
C GLU C 216 -10.55 36.98 -35.95
#